data_6F5H
#
_entry.id   6F5H
#
_cell.length_a   74.865
_cell.length_b   67.328
_cell.length_c   80.686
_cell.angle_alpha   90.000
_cell.angle_beta   105.060
_cell.angle_gamma   90.000
#
_symmetry.space_group_name_H-M   'P 1 21 1'
#
loop_
_entity.id
_entity.type
_entity.pdbx_description
1 polymer 'Ubiquitin carboxyl-terminal hydrolase 7'
2 non-polymer 'SULFATE ION'
3 non-polymer GLYCEROL
4 non-polymer 3-[[4-oxidanyl-1-[(3~{R})-3-phenylbutanoyl]piperidin-4-yl]methyl]-6-(2-pyrrolidin-1-ylethylamino)pyrimidin-4-one
5 water water
#
_entity_poly.entity_id   1
_entity_poly.type   'polypeptide(L)'
_entity_poly.pdbx_seq_one_letter_code
;SKKHTGYVGLKNQGATCYMNSLLQTLFFTNQLRKAVYMMPTEGDDSSKSVPLALQRVFYELQHSDKPVGTKKLTKSFGWE
TLDSFMQHDVQELCRVLLDNVENKMKGTCVEGTIPKLFRGKMVSYIQCKEVDYRSDRREDYYDIQLSIKGKKNIFESFVD
YVAVEQLDGDNKYDAGEHGLQEAEKGVKFLTLPPVLHLQLMRFMYDPQTDQNIKINDRFEFPEQLPLDEFLQKTDPKDPA
NYILHAVLVHSGDNHGGHYVVYLNPKGDGKWCKFDDDVVSRCTKEEAIEHNYGGHDDDLSVRHCTNAYMLVYIRESKLSE
VLQAVTDHDIPQQLVERLQEEKRIEAQKRKERQEHHH
;
_entity_poly.pdbx_strand_id   A,B
#
loop_
_chem_comp.id
_chem_comp.type
_chem_comp.name
_chem_comp.formula
CQ5 non-polymer 3-[[4-oxidanyl-1-[(3~{R})-3-phenylbutanoyl]piperidin-4-yl]methyl]-6-(2-pyrrolidin-1-ylethylamino)pyrimidin-4-one 'C26 H37 N5 O3'
GOL non-polymer GLYCEROL 'C3 H8 O3'
SO4 non-polymer 'SULFATE ION' 'O4 S -2'
#
# COMPACT_ATOMS: atom_id res chain seq x y z
N SER A 1 11.41 15.36 17.65
CA SER A 1 10.47 14.21 17.79
C SER A 1 9.67 13.93 16.51
N LYS A 2 9.40 12.65 16.22
CA LYS A 2 8.37 12.19 15.24
C LYS A 2 7.00 12.85 15.45
N LYS A 3 6.76 13.30 16.67
CA LYS A 3 5.58 14.06 17.02
C LYS A 3 5.44 15.39 16.24
N HIS A 4 6.54 16.01 15.79
CA HIS A 4 6.43 17.31 15.08
C HIS A 4 6.04 17.18 13.61
N THR A 5 6.57 16.18 12.94
CA THR A 5 6.46 16.06 11.48
C THR A 5 5.75 14.80 11.01
N GLY A 6 5.59 13.82 11.90
CA GLY A 6 5.19 12.48 11.53
C GLY A 6 6.29 11.60 10.95
N TYR A 7 7.53 12.08 10.93
CA TYR A 7 8.66 11.36 10.31
C TYR A 7 9.80 11.26 11.31
N VAL A 8 10.53 10.14 11.27
CA VAL A 8 11.58 9.89 12.25
C VAL A 8 12.95 9.95 11.58
N GLY A 9 13.97 10.24 12.38
CA GLY A 9 15.34 10.44 11.87
C GLY A 9 16.20 9.20 11.89
N LEU A 10 17.38 9.31 11.28
CA LEU A 10 18.39 8.26 11.35
C LEU A 10 19.50 8.71 12.30
N LYS A 11 20.06 7.79 13.07
CA LYS A 11 21.03 8.14 14.06
C LYS A 11 22.28 8.72 13.35
N ASN A 12 22.94 9.63 14.04
CA ASN A 12 24.29 10.04 13.66
C ASN A 12 25.26 9.07 14.32
N GLN A 13 25.77 8.10 13.56
CA GLN A 13 26.66 7.04 14.07
C GLN A 13 27.94 7.06 13.26
N GLY A 14 28.92 7.84 13.71
CA GLY A 14 30.13 8.11 12.93
C GLY A 14 29.84 8.87 11.65
N ALA A 15 30.85 8.94 10.78
CA ALA A 15 30.76 9.64 9.51
C ALA A 15 30.42 8.66 8.39
N THR A 16 29.12 8.50 8.14
CA THR A 16 28.62 7.84 6.95
C THR A 16 28.22 8.86 5.89
N CYS A 17 28.55 10.12 6.11
CA CYS A 17 28.40 11.20 5.11
C CYS A 17 26.98 11.35 4.54
N TYR A 18 26.75 10.86 3.32
CA TYR A 18 25.52 11.09 2.55
C TYR A 18 24.53 9.94 2.74
N MET A 19 24.89 8.94 3.53
CA MET A 19 24.07 7.75 3.62
C MET A 19 22.67 8.06 4.17
N ASN A 20 22.62 8.69 5.36
CA ASN A 20 21.32 8.99 5.99
C ASN A 20 20.39 9.74 5.03
N SER A 21 20.97 10.71 4.30
CA SER A 21 20.24 11.48 3.30
C SER A 21 19.66 10.62 2.18
N LEU A 22 20.49 9.72 1.67
CA LEU A 22 20.06 8.76 0.66
C LEU A 22 19.05 7.73 1.22
N LEU A 23 19.23 7.31 2.47
CA LEU A 23 18.29 6.37 3.06
C LEU A 23 16.89 6.94 3.19
N GLN A 24 16.79 8.20 3.64
CA GLN A 24 15.48 8.86 3.77
C GLN A 24 14.84 9.04 2.41
N THR A 25 15.67 9.43 1.44
CA THR A 25 15.23 9.59 0.07
C THR A 25 14.55 8.32 -0.50
N LEU A 26 15.15 7.17 -0.24
CA LEU A 26 14.72 5.92 -0.81
C LEU A 26 13.51 5.40 -0.05
N PHE A 27 13.47 5.68 1.25
CA PHE A 27 12.35 5.32 2.11
C PHE A 27 11.05 5.95 1.67
N PHE A 28 11.11 7.23 1.28
CA PHE A 28 9.93 7.96 0.81
C PHE A 28 9.64 7.79 -0.69
N THR A 29 10.36 6.88 -1.32
CA THR A 29 10.01 6.34 -2.61
C THR A 29 9.12 5.15 -2.26
N ASN A 30 7.87 5.45 -1.96
CA ASN A 30 6.95 4.48 -1.35
C ASN A 30 6.88 3.16 -2.06
N GLN A 31 6.77 3.20 -3.37
CA GLN A 31 6.70 1.99 -4.20
C GLN A 31 7.95 1.12 -3.98
N LEU A 32 9.11 1.75 -3.84
CA LEU A 32 10.33 1.01 -3.55
C LEU A 32 10.23 0.36 -2.18
N ARG A 33 9.82 1.15 -1.18
CA ARG A 33 9.71 0.66 0.19
C ARG A 33 8.76 -0.57 0.29
N LYS A 34 7.67 -0.52 -0.46
CA LYS A 34 6.69 -1.64 -0.45
C LYS A 34 7.32 -2.87 -1.04
N ALA A 35 8.01 -2.71 -2.18
CA ALA A 35 8.69 -3.83 -2.78
C ALA A 35 9.70 -4.48 -1.86
N VAL A 36 10.49 -3.64 -1.19
CA VAL A 36 11.51 -4.08 -0.26
C VAL A 36 10.94 -4.96 0.85
N TYR A 37 9.90 -4.47 1.52
CA TYR A 37 9.15 -5.28 2.51
C TYR A 37 8.69 -6.64 1.99
N MET A 38 8.56 -6.75 0.68
CA MET A 38 8.08 -7.96 0.02
C MET A 38 9.18 -8.99 -0.25
N MET A 39 10.45 -8.61 -0.07
CA MET A 39 11.57 -9.49 -0.41
C MET A 39 11.64 -10.67 0.54
N PRO A 40 11.77 -11.91 -0.01
CA PRO A 40 11.78 -13.11 0.80
C PRO A 40 13.12 -13.31 1.49
N THR A 41 13.35 -12.58 2.57
CA THR A 41 14.61 -12.66 3.29
C THR A 41 14.56 -13.72 4.41
N GLU A 42 13.82 -14.81 4.15
CA GLU A 42 13.36 -15.77 5.16
C GLU A 42 14.49 -16.29 6.02
N GLY A 43 15.51 -16.82 5.36
CA GLY A 43 16.72 -17.30 6.02
C GLY A 43 17.94 -16.54 5.54
N ASP A 44 17.90 -15.22 5.72
CA ASP A 44 19.06 -14.35 5.49
C ASP A 44 19.79 -14.08 6.80
N ASP A 45 21.13 -14.10 6.74
CA ASP A 45 21.97 -13.59 7.84
C ASP A 45 21.77 -12.09 7.94
N SER A 46 21.49 -11.62 9.16
CA SER A 46 21.28 -10.19 9.43
C SER A 46 22.56 -9.33 9.29
N SER A 47 23.71 -9.87 9.68
CA SER A 47 24.99 -9.16 9.52
C SER A 47 25.42 -9.05 8.05
N LYS A 48 24.97 -9.97 7.19
CA LYS A 48 25.40 -10.02 5.77
C LYS A 48 24.37 -9.47 4.78
N SER A 49 23.09 -9.75 5.00
CA SER A 49 22.05 -9.37 4.05
C SER A 49 21.73 -7.87 4.01
N VAL A 50 22.06 -7.22 2.90
CA VAL A 50 21.63 -5.86 2.65
C VAL A 50 20.11 -5.78 2.54
N PRO A 51 19.48 -6.68 1.75
CA PRO A 51 18.00 -6.67 1.69
C PRO A 51 17.33 -6.67 3.07
N LEU A 52 17.71 -7.62 3.93
CA LEU A 52 17.16 -7.73 5.27
C LEU A 52 17.47 -6.46 6.05
N ALA A 53 18.72 -6.02 5.98
CA ALA A 53 19.17 -4.84 6.71
C ALA A 53 18.36 -3.63 6.30
N LEU A 54 18.07 -3.50 5.01
CA LEU A 54 17.23 -2.41 4.53
C LEU A 54 15.80 -2.55 5.01
N GLN A 55 15.27 -3.75 4.97
CA GLN A 55 13.91 -3.98 5.50
C GLN A 55 13.82 -3.49 6.94
N ARG A 56 14.88 -3.73 7.72
CA ARG A 56 14.92 -3.25 9.11
C ARG A 56 14.92 -1.71 9.21
N VAL A 57 15.74 -1.07 8.39
CA VAL A 57 15.78 0.38 8.40
C VAL A 57 14.44 0.96 7.97
N PHE A 58 13.90 0.47 6.87
CA PHE A 58 12.62 0.97 6.38
C PHE A 58 11.54 0.73 7.42
N TYR A 59 11.53 -0.45 8.02
CA TYR A 59 10.53 -0.79 9.03
C TYR A 59 10.67 0.13 10.24
N GLU A 60 11.88 0.32 10.71
CA GLU A 60 12.10 1.19 11.85
C GLU A 60 11.78 2.65 11.51
N LEU A 61 12.13 3.10 10.30
CA LEU A 61 11.70 4.40 9.85
C LEU A 61 10.18 4.60 9.83
N GLN A 62 9.44 3.55 9.46
CA GLN A 62 7.99 3.66 9.38
C GLN A 62 7.28 3.61 10.75
N HIS A 63 7.88 2.88 11.72
CA HIS A 63 7.25 2.61 13.02
C HIS A 63 7.93 3.17 14.26
N SER A 64 9.25 3.20 14.31
CA SER A 64 9.97 3.81 15.45
C SER A 64 9.59 5.25 15.70
N ASP A 65 9.42 5.60 16.99
CA ASP A 65 9.34 6.97 17.46
C ASP A 65 10.72 7.51 17.87
N LYS A 66 11.76 6.69 17.83
CA LYS A 66 13.12 7.12 18.14
C LYS A 66 13.98 7.06 16.88
N PRO A 67 15.15 7.76 16.90
CA PRO A 67 16.00 7.71 15.70
C PRO A 67 16.48 6.30 15.39
N VAL A 68 16.51 6.00 14.11
CA VAL A 68 16.80 4.67 13.59
C VAL A 68 18.30 4.52 13.33
N GLY A 69 18.84 3.37 13.72
CA GLY A 69 20.24 3.05 13.57
C GLY A 69 20.51 2.37 12.25
N THR A 70 21.79 2.43 11.81
CA THR A 70 22.22 1.97 10.47
C THR A 70 23.46 1.07 10.46
N LYS A 71 23.84 0.56 11.62
CA LYS A 71 25.12 -0.15 11.80
C LYS A 71 25.13 -1.53 11.18
N LYS A 72 24.00 -2.24 11.29
CA LYS A 72 23.85 -3.53 10.62
C LYS A 72 23.76 -3.33 9.11
N LEU A 73 23.15 -2.23 8.68
CA LEU A 73 23.09 -1.88 7.27
C LEU A 73 24.49 -1.57 6.71
N THR A 74 25.25 -0.70 7.36
CA THR A 74 26.60 -0.39 6.88
C THR A 74 27.47 -1.64 6.84
N LYS A 75 27.43 -2.42 7.93
CA LYS A 75 28.10 -3.72 7.97
C LYS A 75 27.71 -4.68 6.85
N SER A 76 26.43 -4.72 6.48
CA SER A 76 25.93 -5.65 5.45
C SER A 76 26.54 -5.42 4.07
N PHE A 77 26.69 -4.16 3.67
CA PHE A 77 27.35 -3.86 2.37
C PHE A 77 28.83 -3.46 2.52
N GLY A 78 29.36 -3.61 3.73
CA GLY A 78 30.81 -3.56 3.98
C GLY A 78 31.47 -2.20 4.01
N TRP A 79 30.69 -1.13 4.16
CA TRP A 79 31.25 0.22 4.27
C TRP A 79 31.24 0.68 5.71
N GLU A 80 32.23 0.24 6.46
CA GLU A 80 32.29 0.50 7.90
C GLU A 80 33.26 1.63 8.35
N THR A 81 33.92 2.34 7.41
CA THR A 81 34.86 3.43 7.72
C THR A 81 34.62 4.67 6.85
N LEU A 82 35.22 5.79 7.22
CA LEU A 82 35.08 7.04 6.44
C LEU A 82 35.57 6.85 5.00
N ASP A 83 36.66 6.11 4.82
CA ASP A 83 37.25 5.90 3.49
C ASP A 83 36.30 5.18 2.52
N SER A 84 35.50 4.25 3.01
CA SER A 84 34.49 3.62 2.16
C SER A 84 33.59 4.68 1.55
N PHE A 85 33.13 5.62 2.37
CA PHE A 85 32.31 6.74 1.88
C PHE A 85 33.06 7.75 0.97
N MET A 86 34.30 8.09 1.33
CA MET A 86 35.09 9.04 0.53
C MET A 86 35.47 8.52 -0.86
N GLN A 87 35.55 7.19 -1.03
CA GLN A 87 35.93 6.61 -2.32
C GLN A 87 34.74 6.32 -3.25
N HIS A 88 33.54 6.77 -2.88
CA HIS A 88 32.34 6.52 -3.67
C HIS A 88 31.51 7.80 -3.76
N ASP A 89 31.15 8.19 -4.97
CA ASP A 89 30.12 9.17 -5.16
C ASP A 89 28.77 8.63 -4.62
N VAL A 90 27.85 9.55 -4.33
CA VAL A 90 26.55 9.19 -3.76
C VAL A 90 25.78 8.16 -4.61
N GLN A 91 25.91 8.25 -5.93
CA GLN A 91 25.19 7.37 -6.85
C GLN A 91 25.71 5.97 -6.81
N GLU A 92 26.98 5.79 -6.44
CA GLU A 92 27.60 4.49 -6.33
C GLU A 92 27.02 3.70 -5.17
N LEU A 93 26.82 4.36 -4.03
CA LEU A 93 26.10 3.75 -2.91
C LEU A 93 24.64 3.38 -3.30
N CYS A 94 23.99 4.26 -4.02
CA CYS A 94 22.60 4.03 -4.40
C CYS A 94 22.52 2.79 -5.28
N ARG A 95 23.44 2.70 -6.24
CA ARG A 95 23.56 1.52 -7.08
C ARG A 95 23.80 0.22 -6.29
N VAL A 96 24.71 0.24 -5.35
CA VAL A 96 24.92 -0.90 -4.46
C VAL A 96 23.59 -1.34 -3.82
N LEU A 97 22.86 -0.38 -3.24
CA LEU A 97 21.63 -0.66 -2.50
C LEU A 97 20.50 -1.16 -3.40
N LEU A 98 20.22 -0.42 -4.47
CA LEU A 98 19.24 -0.82 -5.46
C LEU A 98 19.57 -2.12 -6.16
N ASP A 99 20.84 -2.40 -6.41
CA ASP A 99 21.19 -3.63 -7.07
C ASP A 99 20.97 -4.83 -6.15
N ASN A 100 21.40 -4.72 -4.90
CA ASN A 100 21.16 -5.76 -3.91
C ASN A 100 19.69 -6.18 -3.86
N VAL A 101 18.82 -5.21 -3.56
CA VAL A 101 17.36 -5.44 -3.49
C VAL A 101 16.71 -5.83 -4.82
N GLU A 102 17.16 -5.23 -5.93
CA GLU A 102 16.73 -5.67 -7.27
C GLU A 102 16.98 -7.16 -7.43
N ASN A 103 18.19 -7.61 -7.10
CA ASN A 103 18.52 -9.05 -7.17
C ASN A 103 17.70 -9.92 -6.22
N LYS A 104 17.42 -9.43 -5.01
CA LYS A 104 16.63 -10.20 -4.03
C LYS A 104 15.15 -10.35 -4.43
N MET A 105 14.67 -9.42 -5.26
CA MET A 105 13.33 -9.45 -5.79
C MET A 105 13.14 -10.42 -6.96
N LYS A 106 14.22 -10.96 -7.50
CA LYS A 106 14.13 -11.91 -8.62
C LYS A 106 13.29 -13.13 -8.28
N GLY A 107 12.37 -13.46 -9.18
CA GLY A 107 11.40 -14.54 -8.99
C GLY A 107 10.38 -14.28 -7.90
N THR A 108 10.01 -13.02 -7.70
CA THR A 108 9.04 -12.65 -6.68
C THR A 108 7.97 -11.81 -7.33
N CYS A 109 6.88 -11.61 -6.61
CA CYS A 109 5.75 -10.81 -7.11
C CYS A 109 6.08 -9.35 -7.39
N VAL A 110 7.28 -8.94 -6.98
CA VAL A 110 7.73 -7.57 -7.09
C VAL A 110 9.03 -7.43 -7.89
N GLU A 111 9.34 -8.43 -8.72
CA GLU A 111 10.48 -8.38 -9.62
C GLU A 111 10.34 -7.25 -10.65
N GLY A 112 11.44 -6.56 -10.92
CA GLY A 112 11.44 -5.44 -11.86
C GLY A 112 10.89 -4.13 -11.31
N THR A 113 10.75 -4.04 -10.00
CA THR A 113 10.44 -2.76 -9.36
C THR A 113 11.55 -1.72 -9.58
N ILE A 114 12.80 -2.13 -9.38
CA ILE A 114 13.94 -1.20 -9.40
C ILE A 114 14.04 -0.52 -10.78
N PRO A 115 14.10 -1.33 -11.88
CA PRO A 115 14.12 -0.70 -13.22
C PRO A 115 12.84 0.04 -13.58
N LYS A 116 11.70 -0.47 -13.16
CA LYS A 116 10.45 0.24 -13.42
C LYS A 116 10.50 1.63 -12.80
N LEU A 117 11.00 1.73 -11.57
CA LEU A 117 11.13 3.03 -10.91
C LEU A 117 12.30 3.90 -11.42
N PHE A 118 13.44 3.28 -11.69
CA PHE A 118 14.72 4.05 -11.81
C PHE A 118 15.41 4.02 -13.18
N ARG A 119 15.01 3.09 -14.05
CA ARG A 119 15.73 2.86 -15.28
C ARG A 119 15.14 3.71 -16.39
N GLY A 120 16.01 4.56 -16.93
CA GLY A 120 15.77 5.26 -18.18
C GLY A 120 16.64 4.65 -19.26
N LYS A 121 16.41 5.06 -20.49
CA LYS A 121 17.07 4.52 -21.67
C LYS A 121 17.72 5.69 -22.36
N MET A 122 18.95 5.52 -22.84
CA MET A 122 19.62 6.51 -23.67
C MET A 122 20.41 5.85 -24.79
N VAL A 123 20.87 6.66 -25.73
CA VAL A 123 21.80 6.22 -26.78
C VAL A 123 22.91 7.24 -26.89
N SER A 124 24.15 6.77 -26.86
CA SER A 124 25.31 7.58 -27.17
C SER A 124 25.76 7.19 -28.58
N TYR A 125 26.08 8.20 -29.38
CA TYR A 125 26.33 8.00 -30.80
C TYR A 125 27.57 8.75 -31.24
N ILE A 126 28.16 8.31 -32.35
CA ILE A 126 29.17 9.09 -33.05
C ILE A 126 28.78 9.00 -34.51
N GLN A 127 28.49 10.14 -35.14
CA GLN A 127 28.14 10.19 -36.57
C GLN A 127 29.26 10.86 -37.34
N CYS A 128 29.77 10.16 -38.35
CA CYS A 128 30.77 10.73 -39.24
C CYS A 128 30.08 11.68 -40.22
N LYS A 129 30.70 12.83 -40.45
CA LYS A 129 30.17 13.86 -41.34
C LYS A 129 30.40 13.45 -42.81
N GLU A 130 31.67 13.21 -43.15
CA GLU A 130 32.08 12.94 -44.55
C GLU A 130 31.74 11.54 -45.07
N VAL A 131 31.59 10.56 -44.17
CA VAL A 131 31.37 9.17 -44.55
C VAL A 131 30.14 8.58 -43.87
N ASP A 132 29.65 7.49 -44.44
CA ASP A 132 28.43 6.83 -43.97
C ASP A 132 28.79 5.81 -42.90
N TYR A 133 29.09 6.31 -41.69
CA TYR A 133 29.35 5.45 -40.53
C TYR A 133 28.76 6.09 -39.26
N ARG A 134 28.18 5.23 -38.41
CA ARG A 134 27.59 5.65 -37.14
C ARG A 134 27.67 4.50 -36.13
N SER A 135 28.27 4.79 -34.98
CA SER A 135 28.22 3.90 -33.84
C SER A 135 27.12 4.40 -32.94
N ASP A 136 26.22 3.51 -32.52
CA ASP A 136 25.20 3.80 -31.51
C ASP A 136 25.38 2.80 -30.39
N ARG A 137 25.42 3.29 -29.16
CA ARG A 137 25.43 2.42 -27.99
C ARG A 137 24.20 2.72 -27.16
N ARG A 138 23.25 1.78 -27.15
CA ARG A 138 22.08 1.84 -26.27
C ARG A 138 22.55 1.52 -24.84
N GLU A 139 22.12 2.31 -23.86
CA GLU A 139 22.45 2.03 -22.48
C GLU A 139 21.31 2.35 -21.55
N ASP A 140 21.17 1.52 -20.52
CA ASP A 140 20.32 1.88 -19.41
C ASP A 140 21.07 2.78 -18.44
N TYR A 141 20.35 3.71 -17.81
CA TYR A 141 20.86 4.48 -16.69
C TYR A 141 19.85 4.48 -15.54
N TYR A 142 20.39 4.50 -14.32
CA TYR A 142 19.61 4.57 -13.09
C TYR A 142 19.74 5.91 -12.38
N ASP A 143 20.63 6.76 -12.90
CA ASP A 143 20.90 8.08 -12.36
C ASP A 143 21.55 8.87 -13.47
N ILE A 144 21.64 10.19 -13.31
CA ILE A 144 22.26 11.10 -14.31
C ILE A 144 23.16 12.09 -13.59
N GLN A 145 24.36 12.27 -14.11
CA GLN A 145 25.34 13.16 -13.48
C GLN A 145 25.40 14.45 -14.28
N LEU A 146 24.92 15.54 -13.69
CA LEU A 146 24.78 16.81 -14.41
C LEU A 146 26.00 17.70 -14.12
N SER A 147 26.52 18.34 -15.17
CA SER A 147 27.61 19.30 -15.01
C SER A 147 27.02 20.60 -14.49
N ILE A 148 27.59 21.13 -13.42
CA ILE A 148 27.18 22.44 -12.92
C ILE A 148 28.18 23.58 -13.19
N LYS A 149 29.44 23.24 -13.47
CA LYS A 149 30.49 24.23 -13.69
C LYS A 149 30.16 25.09 -14.90
N GLY A 150 29.94 26.38 -14.67
CA GLY A 150 29.50 27.30 -15.71
C GLY A 150 28.08 27.11 -16.21
N LYS A 151 27.24 26.40 -15.44
CA LYS A 151 25.82 26.22 -15.75
C LYS A 151 25.00 26.94 -14.69
N LYS A 152 24.02 27.69 -15.17
CA LYS A 152 23.17 28.52 -14.32
C LYS A 152 22.15 27.64 -13.63
N ASN A 153 21.58 26.69 -14.38
CA ASN A 153 20.50 25.85 -13.88
C ASN A 153 20.47 24.47 -14.51
N ILE A 154 19.57 23.63 -14.01
CA ILE A 154 19.30 22.29 -14.52
C ILE A 154 19.03 22.31 -16.03
N PHE A 155 18.20 23.24 -16.49
CA PHE A 155 17.94 23.38 -17.92
C PHE A 155 19.24 23.47 -18.74
N GLU A 156 20.18 24.31 -18.26
CA GLU A 156 21.49 24.45 -18.89
C GLU A 156 22.39 23.20 -18.83
N SER A 157 22.41 22.51 -17.68
CA SER A 157 23.08 21.20 -17.55
C SER A 157 22.54 20.19 -18.53
N PHE A 158 21.22 20.13 -18.66
CA PHE A 158 20.59 19.21 -19.63
C PHE A 158 20.94 19.59 -21.05
N VAL A 159 20.89 20.88 -21.35
CA VAL A 159 21.34 21.37 -22.67
C VAL A 159 22.75 20.83 -22.93
N ASP A 160 23.66 21.06 -21.98
CA ASP A 160 25.04 20.60 -22.08
C ASP A 160 25.17 19.06 -22.16
N TYR A 161 24.29 18.34 -21.44
CA TYR A 161 24.28 16.87 -21.45
C TYR A 161 24.05 16.26 -22.83
N VAL A 162 23.11 16.82 -23.58
CA VAL A 162 22.78 16.36 -24.95
C VAL A 162 23.43 17.20 -26.06
N ALA A 163 24.39 18.05 -25.69
CA ALA A 163 25.08 18.92 -26.64
C ALA A 163 25.98 18.08 -27.53
N VAL A 164 26.03 18.46 -28.80
CA VAL A 164 26.84 17.74 -29.80
C VAL A 164 28.29 18.21 -29.72
N GLU A 165 29.22 17.25 -29.71
CA GLU A 165 30.64 17.51 -29.62
C GLU A 165 31.24 17.20 -30.98
N GLN A 166 31.91 18.19 -31.56
CA GLN A 166 32.55 18.04 -32.85
C GLN A 166 33.91 17.36 -32.63
N LEU A 167 34.03 16.14 -33.15
CA LEU A 167 35.32 15.46 -33.24
C LEU A 167 35.95 15.87 -34.56
N ASP A 168 36.82 16.88 -34.51
CA ASP A 168 37.55 17.39 -35.68
C ASP A 168 38.97 17.74 -35.27
N GLY A 169 39.74 18.24 -36.22
CA GLY A 169 41.06 18.81 -35.96
C GLY A 169 42.04 17.74 -35.54
N ASP A 170 42.49 17.83 -34.30
CA ASP A 170 43.46 16.88 -33.75
C ASP A 170 42.76 15.64 -33.17
N ASN A 171 41.63 15.85 -32.48
CA ASN A 171 40.79 14.77 -31.94
C ASN A 171 39.70 14.32 -32.94
N LYS A 172 40.14 13.84 -34.11
CA LYS A 172 39.22 13.23 -35.09
C LYS A 172 38.83 11.85 -34.60
N TYR A 173 37.70 11.36 -35.09
CA TYR A 173 37.17 10.04 -34.69
C TYR A 173 37.87 8.98 -35.50
N ASP A 174 38.32 7.91 -34.85
CA ASP A 174 38.89 6.77 -35.58
C ASP A 174 37.75 5.92 -36.15
N ALA A 175 37.54 5.99 -37.46
CA ALA A 175 36.42 5.29 -38.11
C ALA A 175 36.85 3.95 -38.74
N GLY A 176 37.83 3.30 -38.12
CA GLY A 176 38.33 2.02 -38.56
C GLY A 176 38.96 2.09 -39.92
N GLU A 177 38.45 1.28 -40.85
CA GLU A 177 38.93 1.29 -42.23
C GLU A 177 38.53 2.53 -43.05
N HIS A 178 37.76 3.45 -42.47
CA HIS A 178 37.56 4.79 -43.03
C HIS A 178 38.66 5.78 -42.61
N GLY A 179 39.65 5.36 -41.83
CA GLY A 179 40.71 6.25 -41.33
C GLY A 179 40.15 7.16 -40.29
N LEU A 180 40.85 8.27 -40.02
CA LEU A 180 40.31 9.33 -39.15
C LEU A 180 39.16 10.05 -39.87
N GLN A 181 38.14 10.45 -39.13
CA GLN A 181 37.03 11.19 -39.72
C GLN A 181 36.55 12.30 -38.80
N GLU A 182 36.12 13.40 -39.40
CA GLU A 182 35.33 14.39 -38.68
C GLU A 182 34.04 13.68 -38.28
N ALA A 183 33.76 13.69 -36.99
CA ALA A 183 32.56 13.07 -36.48
C ALA A 183 31.90 14.03 -35.53
N GLU A 184 30.69 13.69 -35.09
CA GLU A 184 30.08 14.39 -33.97
C GLU A 184 29.49 13.43 -32.97
N LYS A 185 29.71 13.73 -31.69
CA LYS A 185 29.42 12.83 -30.60
C LYS A 185 28.36 13.45 -29.68
N GLY A 186 27.39 12.64 -29.26
CA GLY A 186 26.29 13.12 -28.46
C GLY A 186 25.55 12.02 -27.75
N VAL A 187 24.67 12.43 -26.84
CA VAL A 187 23.86 11.51 -26.07
C VAL A 187 22.42 11.93 -26.29
N LYS A 188 21.55 10.97 -26.55
CA LYS A 188 20.10 11.22 -26.62
C LYS A 188 19.37 10.47 -25.50
N PHE A 189 18.42 11.13 -24.84
CA PHE A 189 17.49 10.45 -23.92
C PHE A 189 16.33 9.86 -24.73
N LEU A 190 16.14 8.55 -24.63
CA LEU A 190 15.00 7.90 -25.24
C LEU A 190 13.87 7.96 -24.24
N THR A 191 14.15 7.57 -22.99
CA THR A 191 13.17 7.63 -21.89
C THR A 191 13.77 8.24 -20.62
N LEU A 192 12.88 8.81 -19.83
CA LEU A 192 13.17 9.34 -18.51
C LEU A 192 12.34 8.52 -17.51
N PRO A 193 12.96 7.96 -16.46
CA PRO A 193 12.21 7.06 -15.55
C PRO A 193 11.21 7.77 -14.64
N PRO A 194 10.36 7.03 -13.92
CA PRO A 194 9.43 7.66 -12.96
C PRO A 194 10.12 8.41 -11.83
N VAL A 195 11.22 7.87 -11.31
CA VAL A 195 12.02 8.55 -10.30
C VAL A 195 13.34 8.88 -10.94
N LEU A 196 13.67 10.18 -10.94
CA LEU A 196 14.81 10.73 -11.66
C LEU A 196 15.79 11.16 -10.62
N HIS A 197 16.94 10.49 -10.60
CA HIS A 197 18.00 10.76 -9.66
C HIS A 197 19.03 11.59 -10.40
N LEU A 198 19.18 12.85 -9.99
CA LEU A 198 20.13 13.78 -10.60
C LEU A 198 21.23 14.15 -9.61
N GLN A 199 22.46 13.79 -9.91
CA GLN A 199 23.61 14.24 -9.15
C GLN A 199 24.16 15.47 -9.83
N LEU A 200 24.50 16.47 -9.03
CA LEU A 200 25.11 17.70 -9.49
C LEU A 200 26.59 17.57 -9.19
N MET A 201 27.42 17.72 -10.22
CA MET A 201 28.84 17.42 -10.12
C MET A 201 29.64 18.61 -9.61
N ARG A 202 29.52 18.80 -8.31
CA ARG A 202 30.20 19.88 -7.64
C ARG A 202 31.59 19.43 -7.22
N PHE A 203 31.76 18.13 -7.05
CA PHE A 203 33.03 17.55 -6.68
C PHE A 203 33.79 17.24 -7.97
N MET A 204 34.83 18.03 -8.24
CA MET A 204 35.62 17.90 -9.48
C MET A 204 37.10 17.93 -9.16
N TYR A 205 37.86 17.08 -9.86
CA TYR A 205 39.32 17.09 -9.79
C TYR A 205 39.85 18.49 -10.11
N ASP A 206 40.84 18.93 -9.34
CA ASP A 206 41.50 20.21 -9.53
C ASP A 206 42.96 19.93 -9.79
N PRO A 207 43.43 20.15 -11.04
CA PRO A 207 44.85 19.94 -11.35
C PRO A 207 45.80 20.62 -10.35
N GLN A 208 45.67 21.94 -10.17
CA GLN A 208 46.60 22.77 -9.36
C GLN A 208 46.81 22.26 -7.91
N THR A 209 45.73 21.80 -7.26
CA THR A 209 45.82 21.24 -5.90
C THR A 209 45.84 19.69 -5.87
N ASP A 210 45.94 19.06 -7.04
CA ASP A 210 45.87 17.61 -7.21
C ASP A 210 44.93 16.90 -6.22
N GLN A 211 43.68 17.38 -6.18
CA GLN A 211 42.61 16.78 -5.37
C GLN A 211 41.27 17.05 -6.01
N ASN A 212 40.24 16.33 -5.57
CA ASN A 212 38.88 16.75 -5.88
C ASN A 212 38.53 17.86 -4.92
N ILE A 213 38.00 18.97 -5.44
CA ILE A 213 37.40 19.99 -4.58
C ILE A 213 35.92 20.23 -4.90
N LYS A 214 35.22 20.72 -3.89
CA LYS A 214 33.83 21.07 -4.03
C LYS A 214 33.68 22.46 -4.63
N ILE A 215 32.87 22.57 -5.68
CA ILE A 215 32.55 23.86 -6.30
C ILE A 215 31.23 24.30 -5.70
N ASN A 216 31.19 25.54 -5.21
CA ASN A 216 30.04 26.09 -4.48
C ASN A 216 29.33 27.19 -5.28
N ASP A 217 29.49 27.18 -6.61
CA ASP A 217 28.83 28.17 -7.46
C ASP A 217 27.32 27.99 -7.39
N ARG A 218 26.60 29.08 -7.64
CA ARG A 218 25.15 29.06 -7.69
C ARG A 218 24.68 28.14 -8.81
N PHE A 219 23.74 27.27 -8.48
CA PHE A 219 23.10 26.38 -9.43
C PHE A 219 21.62 26.21 -9.08
N GLU A 220 20.75 26.65 -9.97
CA GLU A 220 19.31 26.73 -9.68
C GLU A 220 18.60 25.51 -10.25
N PHE A 221 17.60 25.04 -9.52
CA PHE A 221 16.79 23.93 -9.95
C PHE A 221 15.32 24.24 -9.62
N PRO A 222 14.42 24.00 -10.59
CA PRO A 222 12.99 24.26 -10.40
C PRO A 222 12.28 23.24 -9.50
N GLU A 223 11.18 23.67 -8.89
CA GLU A 223 10.18 22.77 -8.31
C GLU A 223 9.57 21.87 -9.41
N GLN A 224 9.18 22.50 -10.51
CA GLN A 224 8.58 21.81 -11.66
C GLN A 224 9.54 21.83 -12.83
N LEU A 225 9.95 20.65 -13.28
CA LEU A 225 11.01 20.53 -14.27
C LEU A 225 10.46 19.88 -15.53
N PRO A 226 10.19 20.68 -16.58
CA PRO A 226 9.81 20.09 -17.86
C PRO A 226 11.04 19.58 -18.62
N LEU A 227 10.98 18.32 -19.07
CA LEU A 227 12.09 17.67 -19.78
C LEU A 227 11.78 17.14 -21.20
N ASP A 228 10.54 17.32 -21.68
CA ASP A 228 10.16 16.88 -23.02
C ASP A 228 11.19 17.22 -24.09
N GLU A 229 11.66 18.46 -24.09
CA GLU A 229 12.64 18.92 -25.09
C GLU A 229 13.95 18.12 -25.14
N PHE A 230 14.32 17.42 -24.07
CA PHE A 230 15.54 16.60 -24.04
C PHE A 230 15.31 15.15 -24.42
N LEU A 231 14.06 14.77 -24.67
CA LEU A 231 13.70 13.45 -25.21
C LEU A 231 13.85 13.45 -26.73
N GLN A 232 14.38 12.37 -27.29
CA GLN A 232 14.47 12.22 -28.74
C GLN A 232 13.07 12.24 -29.35
N LYS A 233 12.15 11.47 -28.76
CA LYS A 233 10.74 11.47 -29.13
C LYS A 233 9.89 11.65 -27.87
N THR A 234 9.03 12.66 -27.87
CA THR A 234 8.11 12.90 -26.76
C THR A 234 6.86 12.06 -26.91
N ASP A 235 6.07 12.02 -25.84
CA ASP A 235 4.82 11.28 -25.75
C ASP A 235 3.69 12.29 -25.47
N PRO A 236 2.65 12.33 -26.34
CA PRO A 236 1.56 13.29 -26.15
C PRO A 236 0.68 12.98 -24.94
N LYS A 237 0.62 11.71 -24.54
CA LYS A 237 -0.19 11.30 -23.38
C LYS A 237 0.56 11.45 -22.06
N ASP A 238 1.89 11.48 -22.09
CA ASP A 238 2.70 11.49 -20.88
C ASP A 238 3.94 12.37 -21.08
N PRO A 239 3.79 13.69 -20.88
CA PRO A 239 4.93 14.58 -21.02
C PRO A 239 5.91 14.42 -19.86
N ALA A 240 7.20 14.65 -20.14
CA ALA A 240 8.25 14.47 -19.15
C ALA A 240 8.32 15.64 -18.18
N ASN A 241 7.21 15.85 -17.47
CA ASN A 241 7.10 16.87 -16.44
C ASN A 241 7.40 16.25 -15.10
N TYR A 242 8.37 16.84 -14.39
CA TYR A 242 8.90 16.32 -13.14
C TYR A 242 8.64 17.22 -11.95
N ILE A 243 8.57 16.60 -10.78
CA ILE A 243 8.20 17.26 -9.54
C ILE A 243 9.32 17.03 -8.58
N LEU A 244 9.84 18.10 -7.98
CA LEU A 244 10.97 17.98 -7.08
C LEU A 244 10.51 17.28 -5.81
N HIS A 245 11.14 16.14 -5.50
CA HIS A 245 10.79 15.31 -4.36
C HIS A 245 11.79 15.51 -3.23
N ALA A 246 13.08 15.54 -3.57
CA ALA A 246 14.14 15.68 -2.58
C ALA A 246 15.36 16.50 -3.03
N VAL A 247 15.97 17.21 -2.07
CA VAL A 247 17.19 17.99 -2.26
C VAL A 247 18.21 17.54 -1.24
N LEU A 248 19.21 16.79 -1.68
CA LEU A 248 20.22 16.28 -0.79
C LEU A 248 21.28 17.39 -0.74
N VAL A 249 21.67 17.80 0.47
CA VAL A 249 22.45 19.04 0.69
C VAL A 249 23.73 18.73 1.44
N HIS A 250 24.75 19.56 1.23
CA HIS A 250 26.01 19.46 1.95
C HIS A 250 26.55 20.83 2.32
N SER A 251 27.15 20.91 3.49
CA SER A 251 27.72 22.12 4.02
C SER A 251 29.19 21.86 4.30
N GLY A 252 30.05 22.78 3.87
CA GLY A 252 31.50 22.60 4.04
C GLY A 252 32.24 22.15 2.78
N ASP A 253 33.49 21.76 2.97
CA ASP A 253 34.46 21.60 1.86
C ASP A 253 34.97 20.15 1.70
N ASN A 254 34.67 19.28 2.69
CA ASN A 254 35.12 17.89 2.71
C ASN A 254 34.07 16.95 3.36
N HIS A 255 34.38 15.65 3.40
CA HIS A 255 33.44 14.62 3.89
C HIS A 255 33.10 14.72 5.38
N GLY A 256 33.84 15.56 6.11
CA GLY A 256 33.49 15.91 7.50
C GLY A 256 32.59 17.12 7.60
N GLY A 257 32.16 17.68 6.47
CA GLY A 257 31.07 18.64 6.47
C GLY A 257 29.71 18.04 6.89
N HIS A 258 28.65 18.82 6.69
CA HIS A 258 27.33 18.48 7.21
C HIS A 258 26.41 18.01 6.08
N TYR A 259 25.83 16.84 6.27
CA TYR A 259 24.90 16.30 5.29
C TYR A 259 23.48 16.39 5.83
N VAL A 260 22.56 16.98 5.07
CA VAL A 260 21.13 16.86 5.34
C VAL A 260 20.35 16.64 4.06
N VAL A 261 19.06 16.31 4.20
CA VAL A 261 18.20 16.16 3.04
C VAL A 261 16.86 16.84 3.27
N TYR A 262 16.44 17.61 2.28
CA TYR A 262 15.10 18.17 2.25
C TYR A 262 14.21 17.24 1.43
N LEU A 263 13.02 17.01 1.97
CA LEU A 263 12.05 16.13 1.33
C LEU A 263 10.65 16.65 1.58
N ASN A 264 9.81 16.62 0.54
CA ASN A 264 8.35 16.80 0.69
C ASN A 264 7.77 15.43 0.38
N PRO A 265 7.85 14.50 1.35
CA PRO A 265 7.58 13.08 1.07
C PRO A 265 6.33 12.76 0.24
N LYS A 266 5.24 13.50 0.42
CA LYS A 266 4.00 13.25 -0.33
C LYS A 266 3.96 13.87 -1.71
N GLY A 267 4.99 14.63 -2.08
CA GLY A 267 5.02 15.28 -3.38
C GLY A 267 4.00 16.40 -3.48
N ASP A 268 3.73 17.05 -2.35
CA ASP A 268 2.68 18.05 -2.23
C ASP A 268 3.22 19.43 -1.84
N GLY A 269 4.52 19.65 -2.01
CA GLY A 269 5.14 20.92 -1.66
C GLY A 269 5.25 21.24 -0.18
N LYS A 270 5.08 20.24 0.69
CA LYS A 270 5.15 20.44 2.14
C LYS A 270 6.41 19.77 2.67
N TRP A 271 7.42 20.61 2.94
CA TRP A 271 8.77 20.14 3.08
C TRP A 271 9.20 19.99 4.51
N CYS A 272 10.03 18.97 4.75
CA CYS A 272 10.73 18.77 5.99
C CYS A 272 12.22 18.65 5.72
N LYS A 273 12.99 19.05 6.71
CA LYS A 273 14.44 18.94 6.67
C LYS A 273 14.74 17.75 7.53
N PHE A 274 15.53 16.81 6.99
CA PHE A 274 15.95 15.62 7.72
C PHE A 274 17.43 15.74 8.04
N ASP A 275 17.75 15.96 9.30
CA ASP A 275 19.12 16.21 9.74
C ASP A 275 19.47 15.18 10.80
N ASP A 276 19.76 13.97 10.33
CA ASP A 276 20.00 12.79 11.16
C ASP A 276 18.77 12.48 12.04
N ASP A 277 18.90 12.63 13.35
CA ASP A 277 17.79 12.42 14.29
C ASP A 277 16.75 13.52 14.26
N VAL A 278 17.13 14.73 13.84
CA VAL A 278 16.26 15.90 13.93
C VAL A 278 15.57 16.11 12.61
N VAL A 279 14.27 15.80 12.57
CA VAL A 279 13.45 16.11 11.43
C VAL A 279 12.58 17.29 11.83
N SER A 280 12.55 18.31 10.99
CA SER A 280 11.77 19.50 11.27
C SER A 280 11.07 19.95 10.02
N ARG A 281 9.87 20.52 10.19
CA ARG A 281 9.16 21.15 9.08
C ARG A 281 9.96 22.37 8.62
N CYS A 282 9.99 22.61 7.31
CA CYS A 282 10.67 23.80 6.80
C CYS A 282 9.90 24.43 5.65
N THR A 283 10.30 25.64 5.28
CA THR A 283 9.71 26.32 4.13
C THR A 283 10.20 25.67 2.83
N LYS A 284 9.37 25.76 1.81
CA LYS A 284 9.73 25.45 0.43
C LYS A 284 11.01 26.17 0.01
N GLU A 285 11.19 27.37 0.55
CA GLU A 285 12.33 28.23 0.23
C GLU A 285 13.62 27.71 0.86
N GLU A 286 13.57 27.23 2.10
CA GLU A 286 14.71 26.51 2.72
C GLU A 286 15.12 25.28 1.93
N ALA A 287 14.14 24.56 1.38
CA ALA A 287 14.43 23.36 0.62
C ALA A 287 15.03 23.62 -0.77
N ILE A 288 14.50 24.62 -1.48
CA ILE A 288 14.80 24.86 -2.87
C ILE A 288 15.81 26.02 -2.98
N GLU A 289 15.37 27.27 -3.06
CA GLU A 289 16.27 28.43 -3.33
C GLU A 289 17.48 28.56 -2.39
N HIS A 290 17.28 28.30 -1.09
CA HIS A 290 18.35 28.40 -0.10
C HIS A 290 19.44 27.36 -0.27
N ASN A 291 19.21 26.34 -1.10
CA ASN A 291 20.26 25.38 -1.50
C ASN A 291 20.77 25.53 -2.94
N TYR A 292 20.50 26.68 -3.55
CA TYR A 292 21.03 27.07 -4.86
C TYR A 292 22.53 27.32 -4.83
N GLY A 293 23.06 27.77 -3.70
CA GLY A 293 24.49 28.02 -3.52
C GLY A 293 24.85 29.40 -4.03
N GLY A 294 26.11 29.54 -4.45
CA GLY A 294 26.67 30.84 -4.84
C GLY A 294 27.28 31.56 -3.67
N ARG A 302 32.33 32.42 3.92
CA ARG A 302 32.35 31.33 2.95
C ARG A 302 31.03 30.54 2.89
N HIS A 303 30.19 30.84 1.90
CA HIS A 303 28.95 30.08 1.72
C HIS A 303 29.23 28.81 0.93
N CYS A 304 29.09 27.67 1.61
CA CYS A 304 29.36 26.35 1.02
C CYS A 304 28.23 25.34 1.32
N THR A 305 27.01 25.86 1.51
CA THR A 305 25.80 25.05 1.71
C THR A 305 25.02 25.00 0.39
N ASN A 306 24.84 23.80 -0.15
CA ASN A 306 24.14 23.67 -1.44
C ASN A 306 23.79 22.23 -1.77
N ALA A 307 22.94 22.07 -2.77
CA ALA A 307 22.48 20.77 -3.23
C ALA A 307 23.56 20.11 -4.07
N TYR A 308 23.75 18.79 -3.86
CA TYR A 308 24.54 17.94 -4.74
C TYR A 308 23.74 16.84 -5.45
N MET A 309 22.48 16.67 -5.09
CA MET A 309 21.66 15.61 -5.67
C MET A 309 20.19 15.97 -5.50
N LEU A 310 19.43 15.68 -6.55
CA LEU A 310 18.03 16.05 -6.63
C LEU A 310 17.29 14.80 -7.05
N VAL A 311 16.10 14.62 -6.47
CA VAL A 311 15.22 13.55 -6.87
C VAL A 311 13.98 14.20 -7.39
N TYR A 312 13.62 13.83 -8.61
CA TYR A 312 12.41 14.27 -9.24
C TYR A 312 11.53 13.04 -9.47
N ILE A 313 10.22 13.23 -9.39
CA ILE A 313 9.26 12.20 -9.74
C ILE A 313 8.39 12.72 -10.87
N ARG A 314 8.25 11.91 -11.92
CA ARG A 314 7.42 12.25 -13.07
C ARG A 314 5.98 12.43 -12.60
N GLU A 315 5.34 13.48 -13.09
CA GLU A 315 4.05 13.94 -12.54
C GLU A 315 2.91 12.93 -12.75
N SER A 316 2.95 12.21 -13.88
CA SER A 316 1.99 11.16 -14.20
C SER A 316 2.14 9.93 -13.32
N LYS A 317 3.30 9.79 -12.67
CA LYS A 317 3.59 8.62 -11.83
C LYS A 317 3.54 8.91 -10.34
N LEU A 318 3.44 10.18 -9.96
CA LEU A 318 3.56 10.61 -8.56
C LEU A 318 2.78 9.73 -7.59
N SER A 319 1.49 9.54 -7.90
CA SER A 319 0.57 8.85 -6.99
C SER A 319 0.85 7.34 -6.91
N GLU A 320 1.48 6.79 -7.96
CA GLU A 320 1.95 5.41 -7.91
C GLU A 320 3.28 5.27 -7.19
N VAL A 321 4.22 6.17 -7.47
CA VAL A 321 5.51 6.14 -6.76
C VAL A 321 5.32 6.41 -5.26
N LEU A 322 4.50 7.42 -4.95
CA LEU A 322 4.22 7.82 -3.57
C LEU A 322 2.92 7.25 -2.99
N GLN A 323 2.39 6.21 -3.62
CA GLN A 323 1.26 5.43 -3.08
C GLN A 323 1.46 5.16 -1.57
N ALA A 324 0.40 5.37 -0.81
CA ALA A 324 0.38 5.16 0.64
C ALA A 324 0.92 3.79 1.07
N VAL A 325 1.67 3.78 2.18
CA VAL A 325 2.15 2.53 2.79
C VAL A 325 1.40 2.34 4.10
N THR A 326 0.84 1.15 4.30
CA THR A 326 0.10 0.81 5.50
C THR A 326 0.74 -0.39 6.15
N ASP A 327 0.27 -0.73 7.34
CA ASP A 327 0.67 -1.96 8.03
C ASP A 327 0.51 -3.20 7.18
N HIS A 328 -0.54 -3.25 6.36
CA HIS A 328 -0.78 -4.38 5.42
C HIS A 328 0.33 -4.63 4.37
N ASP A 329 1.17 -3.63 4.15
CA ASP A 329 2.23 -3.73 3.18
C ASP A 329 3.47 -4.39 3.80
N ILE A 330 3.41 -4.71 5.09
CA ILE A 330 4.49 -5.44 5.73
C ILE A 330 3.98 -6.83 6.14
N PRO A 331 4.50 -7.90 5.51
CA PRO A 331 4.12 -9.25 5.88
C PRO A 331 4.36 -9.53 7.35
N GLN A 332 3.40 -10.15 8.01
CA GLN A 332 3.56 -10.52 9.41
C GLN A 332 4.86 -11.29 9.63
N GLN A 333 5.18 -12.20 8.72
CA GLN A 333 6.44 -12.93 8.73
C GLN A 333 7.67 -12.02 8.85
N LEU A 334 7.67 -10.89 8.15
CA LEU A 334 8.74 -9.87 8.24
C LEU A 334 8.72 -9.17 9.60
N VAL A 335 7.52 -8.80 10.04
CA VAL A 335 7.35 -8.11 11.31
C VAL A 335 7.83 -8.98 12.46
N GLU A 336 7.45 -10.26 12.45
CA GLU A 336 7.91 -11.23 13.45
C GLU A 336 9.42 -11.41 13.38
N ARG A 337 9.95 -11.47 12.17
CA ARG A 337 11.39 -11.61 11.96
C ARG A 337 12.20 -10.43 12.48
N LEU A 338 11.68 -9.22 12.31
CA LEU A 338 12.34 -8.02 12.80
C LEU A 338 12.16 -7.84 14.30
N GLN A 339 11.07 -8.37 14.86
CA GLN A 339 10.94 -8.49 16.30
C GLN A 339 12.00 -9.46 16.81
N GLU A 340 12.12 -10.63 16.17
CA GLU A 340 13.12 -11.63 16.57
C GLU A 340 14.54 -11.05 16.57
N GLU A 341 14.92 -10.29 15.53
CA GLU A 341 16.24 -9.67 15.47
C GLU A 341 16.45 -8.68 16.62
N LYS A 342 15.44 -7.88 16.92
CA LYS A 342 15.47 -6.95 18.06
C LYS A 342 15.80 -7.66 19.39
N ARG A 343 15.17 -8.81 19.65
CA ARG A 343 15.46 -9.62 20.84
C ARG A 343 16.91 -10.10 20.87
N ILE A 344 17.37 -10.65 19.75
CA ILE A 344 18.72 -11.17 19.60
C ILE A 344 19.76 -10.05 19.81
N GLU A 345 19.47 -8.86 19.30
CA GLU A 345 20.32 -7.66 19.48
C GLU A 345 20.26 -7.10 20.90
N ALA A 346 19.09 -7.18 21.54
CA ALA A 346 18.95 -6.86 22.97
C ALA A 346 19.80 -7.79 23.83
N GLN A 347 19.81 -9.07 23.47
CA GLN A 347 20.61 -10.09 24.16
C GLN A 347 22.13 -9.88 23.94
N LYS A 348 22.53 -9.46 22.75
CA LYS A 348 23.93 -9.13 22.46
C LYS A 348 24.44 -7.93 23.29
N ARG A 349 23.55 -6.95 23.54
CA ARG A 349 23.83 -5.85 24.49
C ARG A 349 24.22 -6.37 25.89
N LYS A 350 23.48 -7.39 26.36
CA LYS A 350 23.75 -8.01 27.66
C LYS A 350 25.02 -8.87 27.60
N GLU A 351 25.07 -9.76 26.61
CA GLU A 351 26.20 -10.68 26.37
C GLU A 351 27.54 -9.98 26.22
N ARG A 352 27.57 -8.91 25.42
CA ARG A 352 28.77 -8.11 25.18
C ARG A 352 29.24 -7.39 26.46
N GLN A 353 28.28 -6.93 27.26
CA GLN A 353 28.56 -6.26 28.53
C GLN A 353 29.08 -7.22 29.62
N GLU A 354 28.63 -8.48 29.60
CA GLU A 354 29.12 -9.50 30.55
C GLU A 354 30.59 -9.88 30.30
N HIS A 355 30.97 -10.04 29.04
CA HIS A 355 32.38 -10.26 28.65
C HIS A 355 33.29 -9.10 29.08
N HIS A 356 32.79 -7.86 29.00
CA HIS A 356 33.56 -6.65 29.29
C HIS A 356 33.59 -6.25 30.78
N HIS A 357 32.56 -6.62 31.54
CA HIS A 357 32.48 -6.32 32.97
C HIS A 357 32.56 -7.60 33.81
N LYS B 2 -17.23 1.12 -18.12
CA LYS B 2 -17.39 1.75 -16.77
C LYS B 2 -17.16 3.27 -16.86
N LYS B 3 -17.88 3.89 -17.78
CA LYS B 3 -17.53 5.22 -18.26
C LYS B 3 -18.04 6.34 -17.34
N HIS B 4 -19.17 6.10 -16.68
CA HIS B 4 -19.93 7.14 -15.99
C HIS B 4 -19.56 7.25 -14.52
N THR B 5 -19.47 6.10 -13.87
CA THR B 5 -19.12 6.00 -12.46
C THR B 5 -17.64 5.67 -12.23
N GLY B 6 -16.99 5.03 -13.21
CA GLY B 6 -15.70 4.37 -13.00
C GLY B 6 -15.79 2.93 -12.47
N TYR B 7 -17.02 2.44 -12.22
CA TYR B 7 -17.23 1.10 -11.67
C TYR B 7 -18.01 0.27 -12.67
N VAL B 8 -17.66 -1.02 -12.76
CA VAL B 8 -18.31 -1.95 -13.68
C VAL B 8 -19.22 -2.94 -12.94
N GLY B 9 -20.21 -3.45 -13.65
CA GLY B 9 -21.19 -4.37 -13.07
C GLY B 9 -20.84 -5.84 -13.17
N LEU B 10 -21.63 -6.64 -12.49
CA LEU B 10 -21.60 -8.09 -12.62
C LEU B 10 -22.83 -8.51 -13.44
N LYS B 11 -22.66 -9.60 -14.17
CA LYS B 11 -23.73 -10.09 -15.01
C LYS B 11 -24.87 -10.52 -14.09
N ASN B 12 -26.08 -10.13 -14.46
CA ASN B 12 -27.28 -10.74 -13.88
C ASN B 12 -27.21 -12.24 -14.06
N GLN B 13 -27.25 -12.92 -12.92
CA GLN B 13 -27.42 -14.36 -12.84
C GLN B 13 -28.68 -14.58 -11.99
N GLY B 14 -29.76 -15.03 -12.65
CA GLY B 14 -30.99 -15.42 -11.99
C GLY B 14 -30.80 -16.43 -10.88
N ALA B 15 -29.85 -17.34 -11.07
CA ALA B 15 -29.60 -18.39 -10.08
C ALA B 15 -28.83 -17.96 -8.83
N THR B 16 -28.25 -16.76 -8.77
CA THR B 16 -27.30 -16.43 -7.70
C THR B 16 -27.72 -15.39 -6.67
N CYS B 17 -28.89 -14.76 -6.84
CA CYS B 17 -29.54 -14.01 -5.76
C CYS B 17 -28.67 -12.87 -5.18
N TYR B 18 -28.10 -13.09 -3.99
CA TYR B 18 -27.40 -12.05 -3.20
C TYR B 18 -25.92 -11.99 -3.55
N MET B 19 -25.48 -12.80 -4.50
CA MET B 19 -24.03 -12.95 -4.70
C MET B 19 -23.41 -11.70 -5.30
N ASN B 20 -24.01 -11.18 -6.38
CA ASN B 20 -23.53 -9.96 -7.01
C ASN B 20 -23.37 -8.82 -6.04
N SER B 21 -24.40 -8.57 -5.24
CA SER B 21 -24.34 -7.63 -4.13
C SER B 21 -23.17 -7.81 -3.15
N LEU B 22 -22.89 -9.06 -2.77
CA LEU B 22 -21.79 -9.39 -1.86
C LEU B 22 -20.43 -9.27 -2.52
N LEU B 23 -20.33 -9.69 -3.78
CA LEU B 23 -19.06 -9.58 -4.52
C LEU B 23 -18.62 -8.15 -4.71
N GLN B 24 -19.56 -7.25 -4.97
CA GLN B 24 -19.22 -5.82 -5.09
C GLN B 24 -18.67 -5.26 -3.77
N THR B 25 -19.42 -5.51 -2.69
CA THR B 25 -19.10 -5.17 -1.30
C THR B 25 -17.68 -5.62 -0.92
N LEU B 26 -17.37 -6.90 -1.19
CA LEU B 26 -16.01 -7.43 -0.97
C LEU B 26 -14.94 -6.81 -1.88
N PHE B 27 -15.25 -6.63 -3.17
CA PHE B 27 -14.34 -5.97 -4.13
C PHE B 27 -13.93 -4.56 -3.66
N PHE B 28 -14.90 -3.82 -3.13
CA PHE B 28 -14.65 -2.47 -2.66
C PHE B 28 -14.02 -2.38 -1.27
N THR B 29 -13.81 -3.53 -0.65
CA THR B 29 -12.95 -3.62 0.52
C THR B 29 -11.52 -3.80 0.00
N ASN B 30 -10.93 -2.67 -0.37
CA ASN B 30 -9.68 -2.62 -1.12
C ASN B 30 -8.56 -3.47 -0.54
N GLN B 31 -8.40 -3.46 0.78
CA GLN B 31 -7.33 -4.23 1.38
C GLN B 31 -7.49 -5.75 1.23
N LEU B 32 -8.72 -6.22 1.34
CA LEU B 32 -9.03 -7.59 0.98
C LEU B 32 -8.69 -7.86 -0.49
N ARG B 33 -9.09 -6.98 -1.40
CA ARG B 33 -8.81 -7.14 -2.84
C ARG B 33 -7.31 -7.20 -3.12
N LYS B 34 -6.58 -6.34 -2.44
CA LYS B 34 -5.10 -6.35 -2.51
C LYS B 34 -4.51 -7.67 -2.00
N ALA B 35 -4.95 -8.10 -0.81
CA ALA B 35 -4.53 -9.40 -0.31
C ALA B 35 -4.78 -10.51 -1.32
N VAL B 36 -5.99 -10.54 -1.84
CA VAL B 36 -6.43 -11.56 -2.78
C VAL B 36 -5.58 -11.58 -4.05
N TYR B 37 -5.29 -10.40 -4.58
CA TYR B 37 -4.41 -10.31 -5.75
C TYR B 37 -3.02 -10.88 -5.47
N MET B 38 -2.54 -10.67 -4.26
CA MET B 38 -1.18 -11.05 -3.83
C MET B 38 -1.03 -12.55 -3.46
N MET B 39 -2.15 -13.23 -3.16
CA MET B 39 -2.19 -14.70 -2.98
C MET B 39 -1.49 -15.45 -4.09
N PRO B 40 -0.54 -16.35 -3.76
CA PRO B 40 0.12 -17.15 -4.81
C PRO B 40 -0.71 -18.38 -5.20
N THR B 41 -1.20 -18.38 -6.44
CA THR B 41 -2.15 -19.38 -6.93
C THR B 41 -1.75 -20.04 -8.26
N GLU B 42 -0.48 -19.92 -8.61
CA GLU B 42 0.06 -20.38 -9.91
C GLU B 42 -0.23 -21.84 -10.26
N GLY B 43 -0.12 -22.73 -9.27
CA GLY B 43 -0.33 -24.18 -9.47
C GLY B 43 -1.70 -24.73 -9.08
N ASP B 44 -2.76 -23.98 -9.41
CA ASP B 44 -4.16 -24.36 -9.12
C ASP B 44 -4.99 -24.70 -10.38
N ASP B 45 -6.14 -25.33 -10.16
CA ASP B 45 -7.12 -25.63 -11.23
C ASP B 45 -8.11 -24.46 -11.35
N SER B 46 -8.16 -23.83 -12.54
CA SER B 46 -9.01 -22.63 -12.77
C SER B 46 -10.54 -22.86 -12.59
N SER B 47 -10.98 -24.11 -12.78
CA SER B 47 -12.38 -24.49 -12.52
C SER B 47 -12.65 -24.49 -11.02
N LYS B 48 -11.74 -25.10 -10.26
CA LYS B 48 -11.99 -25.60 -8.91
C LYS B 48 -11.52 -24.71 -7.76
N SER B 49 -10.50 -23.89 -8.01
CA SER B 49 -9.98 -23.01 -6.95
C SER B 49 -10.83 -21.75 -6.70
N VAL B 50 -11.30 -21.59 -5.48
CA VAL B 50 -12.02 -20.38 -5.11
C VAL B 50 -11.07 -19.16 -5.12
N PRO B 51 -9.85 -19.30 -4.53
CA PRO B 51 -8.94 -18.17 -4.57
C PRO B 51 -8.77 -17.63 -5.99
N LEU B 52 -8.41 -18.51 -6.92
CA LEU B 52 -8.15 -18.10 -8.32
C LEU B 52 -9.38 -17.50 -8.99
N ALA B 53 -10.56 -18.09 -8.72
CA ALA B 53 -11.80 -17.58 -9.29
C ALA B 53 -12.07 -16.19 -8.76
N LEU B 54 -11.80 -16.02 -7.48
CA LEU B 54 -12.02 -14.74 -6.79
C LEU B 54 -11.07 -13.66 -7.33
N GLN B 55 -9.82 -14.06 -7.60
CA GLN B 55 -8.85 -13.17 -8.25
C GLN B 55 -9.34 -12.73 -9.61
N ARG B 56 -9.92 -13.66 -10.37
CA ARG B 56 -10.44 -13.36 -11.69
C ARG B 56 -11.58 -12.35 -11.63
N VAL B 57 -12.55 -12.60 -10.76
CA VAL B 57 -13.70 -11.74 -10.63
C VAL B 57 -13.22 -10.36 -10.21
N PHE B 58 -12.38 -10.30 -9.18
CA PHE B 58 -11.85 -9.02 -8.70
C PHE B 58 -11.07 -8.32 -9.80
N TYR B 59 -10.17 -9.04 -10.44
CA TYR B 59 -9.42 -8.47 -11.56
C TYR B 59 -10.36 -7.88 -12.60
N GLU B 60 -11.37 -8.65 -13.02
CA GLU B 60 -12.26 -8.19 -14.07
C GLU B 60 -13.12 -7.01 -13.61
N LEU B 61 -13.63 -7.08 -12.40
CA LEU B 61 -14.32 -5.94 -11.81
C LEU B 61 -13.52 -4.62 -11.82
N GLN B 62 -12.19 -4.72 -11.68
CA GLN B 62 -11.31 -3.56 -11.72
C GLN B 62 -10.93 -3.11 -13.14
N HIS B 63 -10.75 -4.05 -14.06
CA HIS B 63 -10.22 -3.73 -15.41
C HIS B 63 -11.23 -3.81 -16.56
N SER B 64 -12.25 -4.66 -16.45
CA SER B 64 -13.19 -4.83 -17.56
C SER B 64 -14.03 -3.59 -17.81
N ASP B 65 -14.31 -3.29 -19.07
CA ASP B 65 -15.33 -2.30 -19.47
C ASP B 65 -16.73 -2.96 -19.56
N LYS B 66 -16.78 -4.31 -19.55
CA LYS B 66 -18.02 -5.08 -19.71
C LYS B 66 -18.46 -5.71 -18.40
N PRO B 67 -19.76 -5.98 -18.25
CA PRO B 67 -20.27 -6.78 -17.12
C PRO B 67 -19.54 -8.11 -16.91
N VAL B 68 -19.21 -8.38 -15.66
CA VAL B 68 -18.29 -9.46 -15.33
C VAL B 68 -19.10 -10.68 -14.99
N GLY B 69 -18.59 -11.84 -15.39
CA GLY B 69 -19.28 -13.12 -15.17
C GLY B 69 -18.84 -13.75 -13.87
N THR B 70 -19.65 -14.69 -13.38
CA THR B 70 -19.40 -15.35 -12.09
C THR B 70 -19.39 -16.88 -12.14
N LYS B 71 -19.48 -17.44 -13.33
CA LYS B 71 -19.79 -18.88 -13.49
C LYS B 71 -18.65 -19.75 -13.00
N LYS B 72 -17.43 -19.30 -13.27
CA LYS B 72 -16.24 -19.98 -12.77
C LYS B 72 -16.12 -19.86 -11.26
N LEU B 73 -16.50 -18.71 -10.71
CA LEU B 73 -16.60 -18.53 -9.27
C LEU B 73 -17.61 -19.50 -8.63
N THR B 74 -18.84 -19.48 -9.10
CA THR B 74 -19.90 -20.36 -8.53
C THR B 74 -19.52 -21.84 -8.68
N LYS B 75 -18.95 -22.18 -9.83
CA LYS B 75 -18.36 -23.49 -10.04
C LYS B 75 -17.32 -23.83 -9.00
N SER B 76 -16.42 -22.90 -8.69
CA SER B 76 -15.31 -23.22 -7.79
C SER B 76 -15.75 -23.63 -6.41
N PHE B 77 -16.80 -23.01 -5.87
CA PHE B 77 -17.34 -23.44 -4.55
C PHE B 77 -18.62 -24.31 -4.61
N GLY B 78 -19.00 -24.75 -5.81
CA GLY B 78 -20.04 -25.78 -5.96
C GLY B 78 -21.49 -25.35 -5.79
N TRP B 79 -21.75 -24.04 -5.73
CA TRP B 79 -23.10 -23.48 -5.65
C TRP B 79 -23.52 -23.15 -7.08
N GLU B 80 -23.80 -24.17 -7.87
CA GLU B 80 -24.11 -23.98 -9.28
C GLU B 80 -25.60 -24.05 -9.61
N THR B 81 -26.46 -23.87 -8.60
CA THR B 81 -27.91 -23.87 -8.82
C THR B 81 -28.58 -22.90 -7.86
N LEU B 82 -29.77 -22.42 -8.23
CA LEU B 82 -30.61 -21.62 -7.31
C LEU B 82 -30.64 -22.15 -5.87
N ASP B 83 -30.77 -23.46 -5.75
CA ASP B 83 -31.03 -24.12 -4.47
C ASP B 83 -29.92 -23.89 -3.42
N SER B 84 -28.69 -23.82 -3.87
CA SER B 84 -27.55 -23.52 -2.99
C SER B 84 -27.71 -22.17 -2.32
N PHE B 85 -28.07 -21.15 -3.10
CA PHE B 85 -28.31 -19.80 -2.60
C PHE B 85 -29.55 -19.66 -1.70
N MET B 86 -30.62 -20.40 -2.08
CA MET B 86 -31.82 -20.43 -1.29
C MET B 86 -31.55 -21.06 0.07
N GLN B 87 -30.64 -22.03 0.15
CA GLN B 87 -30.43 -22.71 1.44
C GLN B 87 -29.31 -22.10 2.31
N HIS B 88 -28.77 -20.96 1.90
CA HIS B 88 -27.69 -20.29 2.66
C HIS B 88 -28.02 -18.83 2.87
N ASP B 89 -27.91 -18.38 4.11
CA ASP B 89 -27.89 -16.94 4.38
C ASP B 89 -26.63 -16.33 3.73
N VAL B 90 -26.71 -15.06 3.38
CA VAL B 90 -25.60 -14.27 2.78
C VAL B 90 -24.25 -14.37 3.51
N GLN B 91 -24.28 -14.44 4.83
CA GLN B 91 -23.04 -14.51 5.62
C GLN B 91 -22.35 -15.84 5.44
N GLU B 92 -23.12 -16.90 5.14
CA GLU B 92 -22.55 -18.22 4.88
C GLU B 92 -21.81 -18.25 3.56
N LEU B 93 -22.33 -17.56 2.56
CA LEU B 93 -21.59 -17.40 1.31
C LEU B 93 -20.31 -16.58 1.59
N CYS B 94 -20.41 -15.53 2.38
CA CYS B 94 -19.26 -14.67 2.68
C CYS B 94 -18.17 -15.48 3.31
N ARG B 95 -18.55 -16.29 4.30
CA ARG B 95 -17.67 -17.26 4.90
C ARG B 95 -17.08 -18.25 3.90
N VAL B 96 -17.86 -18.79 2.96
CA VAL B 96 -17.29 -19.68 1.94
C VAL B 96 -16.13 -18.95 1.24
N LEU B 97 -16.35 -17.69 0.89
CA LEU B 97 -15.35 -16.92 0.16
C LEU B 97 -14.17 -16.53 1.05
N LEU B 98 -14.44 -15.88 2.18
CA LEU B 98 -13.35 -15.38 3.04
C LEU B 98 -12.52 -16.49 3.63
N ASP B 99 -13.17 -17.63 3.94
CA ASP B 99 -12.43 -18.77 4.48
C ASP B 99 -11.47 -19.37 3.48
N ASN B 100 -11.92 -19.66 2.25
CA ASN B 100 -11.02 -20.18 1.21
C ASN B 100 -9.73 -19.33 1.05
N VAL B 101 -9.90 -18.02 0.95
CA VAL B 101 -8.79 -17.09 0.73
C VAL B 101 -7.95 -16.86 2.00
N GLU B 102 -8.60 -16.87 3.17
CA GLU B 102 -7.88 -16.80 4.43
C GLU B 102 -6.92 -17.95 4.50
N ASN B 103 -7.41 -19.19 4.41
CA ASN B 103 -6.49 -20.33 4.55
C ASN B 103 -5.49 -20.51 3.38
N LYS B 104 -5.78 -19.97 2.19
CA LYS B 104 -4.77 -19.96 1.13
C LYS B 104 -3.69 -18.89 1.35
N MET B 105 -4.01 -17.86 2.14
CA MET B 105 -3.03 -16.84 2.50
C MET B 105 -2.07 -17.30 3.60
N LYS B 106 -2.42 -18.36 4.32
CA LYS B 106 -1.55 -18.88 5.37
C LYS B 106 -0.18 -19.31 4.80
N GLY B 107 0.90 -18.91 5.49
CA GLY B 107 2.26 -19.06 5.02
C GLY B 107 2.66 -18.19 3.84
N THR B 108 1.88 -17.14 3.54
CA THR B 108 2.18 -16.24 2.42
C THR B 108 2.50 -14.85 2.97
N CYS B 109 2.97 -13.99 2.07
CA CYS B 109 3.29 -12.59 2.40
C CYS B 109 2.07 -11.78 2.88
N VAL B 110 0.88 -12.23 2.53
CA VAL B 110 -0.33 -11.55 2.94
C VAL B 110 -1.18 -12.33 3.98
N GLU B 111 -0.52 -13.24 4.71
CA GLU B 111 -1.17 -14.03 5.76
C GLU B 111 -1.75 -13.11 6.83
N GLY B 112 -2.94 -13.44 7.30
CA GLY B 112 -3.53 -12.76 8.45
C GLY B 112 -4.35 -11.54 8.09
N THR B 113 -4.59 -11.33 6.80
CA THR B 113 -5.29 -10.13 6.35
C THR B 113 -6.81 -10.20 6.62
N ILE B 114 -7.43 -11.35 6.37
CA ILE B 114 -8.87 -11.49 6.58
C ILE B 114 -9.19 -11.23 8.05
N PRO B 115 -8.54 -11.98 8.97
CA PRO B 115 -8.82 -11.71 10.38
C PRO B 115 -8.47 -10.28 10.81
N LYS B 116 -7.42 -9.70 10.28
CA LYS B 116 -7.12 -8.33 10.65
C LYS B 116 -8.26 -7.41 10.21
N LEU B 117 -8.84 -7.67 9.06
CA LEU B 117 -9.95 -6.86 8.57
C LEU B 117 -11.32 -7.17 9.25
N PHE B 118 -11.66 -8.45 9.39
CA PHE B 118 -13.05 -8.90 9.66
C PHE B 118 -13.32 -9.53 11.04
N ARG B 119 -12.27 -9.89 11.77
CA ARG B 119 -12.39 -10.63 13.01
C ARG B 119 -12.47 -9.70 14.21
N GLY B 120 -13.61 -9.72 14.90
CA GLY B 120 -13.74 -9.13 16.22
C GLY B 120 -13.84 -10.23 17.25
N LYS B 121 -13.86 -9.84 18.52
CA LYS B 121 -13.82 -10.75 19.65
C LYS B 121 -15.00 -10.42 20.56
N MET B 122 -15.67 -11.45 21.08
CA MET B 122 -16.72 -11.27 22.08
C MET B 122 -16.61 -12.35 23.15
N VAL B 123 -17.17 -12.07 24.33
CA VAL B 123 -17.30 -13.08 25.41
C VAL B 123 -18.77 -13.34 25.73
N SER B 124 -19.17 -14.61 25.65
CA SER B 124 -20.42 -15.10 26.21
C SER B 124 -20.13 -15.39 27.66
N TYR B 125 -20.81 -14.68 28.57
CA TYR B 125 -20.56 -14.83 30.00
C TYR B 125 -21.79 -15.33 30.76
N ILE B 126 -21.52 -16.10 31.81
CA ILE B 126 -22.48 -16.39 32.87
C ILE B 126 -21.86 -15.78 34.11
N GLN B 127 -22.67 -15.13 34.94
CA GLN B 127 -22.19 -14.50 36.18
C GLN B 127 -23.20 -14.76 37.31
N CYS B 128 -22.85 -15.68 38.20
CA CYS B 128 -23.62 -15.93 39.41
C CYS B 128 -23.49 -14.72 40.33
N LYS B 129 -24.61 -14.04 40.59
CA LYS B 129 -24.61 -12.88 41.48
C LYS B 129 -24.45 -13.27 42.98
N GLU B 130 -24.77 -14.52 43.31
CA GLU B 130 -24.78 -14.98 44.71
C GLU B 130 -23.41 -15.43 45.24
N VAL B 131 -22.61 -16.07 44.37
CA VAL B 131 -21.23 -16.47 44.69
C VAL B 131 -20.32 -16.19 43.50
N ASP B 132 -19.04 -15.93 43.77
CA ASP B 132 -18.09 -15.47 42.74
C ASP B 132 -17.62 -16.59 41.81
N TYR B 133 -18.51 -17.03 40.93
CA TYR B 133 -18.20 -18.01 39.88
C TYR B 133 -18.75 -17.47 38.60
N ARG B 134 -17.87 -17.26 37.62
CA ARG B 134 -18.25 -16.83 36.27
C ARG B 134 -18.10 -18.00 35.30
N SER B 135 -18.44 -17.75 34.04
CA SER B 135 -18.19 -18.69 32.96
C SER B 135 -17.87 -17.93 31.66
N ASP B 136 -17.01 -16.91 31.77
CA ASP B 136 -16.54 -16.11 30.62
C ASP B 136 -16.07 -17.00 29.48
N ARG B 137 -16.65 -16.83 28.31
CA ARG B 137 -16.33 -17.65 27.14
C ARG B 137 -15.99 -16.77 25.94
N ARG B 138 -14.69 -16.67 25.64
CA ARG B 138 -14.21 -15.87 24.51
C ARG B 138 -14.63 -16.51 23.19
N GLU B 139 -14.82 -15.69 22.16
CA GLU B 139 -15.25 -16.20 20.85
C GLU B 139 -15.01 -15.17 19.75
N ASP B 140 -14.39 -15.62 18.66
CA ASP B 140 -14.16 -14.77 17.49
C ASP B 140 -15.41 -14.70 16.63
N TYR B 141 -15.61 -13.55 15.97
CA TYR B 141 -16.67 -13.39 14.97
C TYR B 141 -16.19 -12.61 13.75
N TYR B 142 -16.72 -12.98 12.58
CA TYR B 142 -16.47 -12.25 11.32
C TYR B 142 -17.67 -11.43 10.84
N ASP B 143 -18.79 -11.57 11.56
CA ASP B 143 -20.02 -10.91 11.19
C ASP B 143 -20.96 -10.95 12.39
N ILE B 144 -21.98 -10.09 12.37
CA ILE B 144 -22.93 -9.98 13.48
C ILE B 144 -24.34 -10.05 12.91
N GLN B 145 -25.17 -10.93 13.46
CA GLN B 145 -26.55 -11.04 13.03
C GLN B 145 -27.42 -10.26 14.01
N LEU B 146 -28.00 -9.14 13.55
CA LEU B 146 -28.80 -8.28 14.44
C LEU B 146 -30.29 -8.56 14.33
N SER B 147 -30.98 -8.45 15.46
CA SER B 147 -32.43 -8.56 15.51
C SER B 147 -33.00 -7.22 15.12
N ILE B 148 -33.92 -7.24 14.15
CA ILE B 148 -34.70 -6.04 13.77
C ILE B 148 -36.17 -6.12 14.21
N LYS B 149 -36.64 -7.33 14.55
CA LYS B 149 -38.06 -7.53 14.87
C LYS B 149 -38.40 -6.78 16.15
N GLY B 150 -39.21 -5.74 16.02
CA GLY B 150 -39.57 -4.88 17.13
C GLY B 150 -38.56 -3.79 17.46
N LYS B 151 -37.41 -3.77 16.79
CA LYS B 151 -36.37 -2.79 17.04
C LYS B 151 -36.55 -1.64 16.06
N LYS B 152 -36.45 -0.42 16.58
CA LYS B 152 -36.50 0.78 15.77
C LYS B 152 -35.29 0.83 14.84
N ASN B 153 -34.10 0.58 15.40
CA ASN B 153 -32.84 0.83 14.69
C ASN B 153 -31.69 -0.03 15.18
N ILE B 154 -30.55 0.11 14.51
CA ILE B 154 -29.27 -0.56 14.86
C ILE B 154 -28.90 -0.41 16.32
N PHE B 155 -29.04 0.80 16.83
CA PHE B 155 -28.73 1.09 18.23
C PHE B 155 -29.49 0.13 19.15
N GLU B 156 -30.80 0.06 18.93
CA GLU B 156 -31.67 -0.86 19.70
C GLU B 156 -31.32 -2.33 19.49
N SER B 157 -30.88 -2.70 18.28
CA SER B 157 -30.39 -4.06 18.04
C SER B 157 -29.12 -4.42 18.83
N PHE B 158 -28.19 -3.49 18.93
CA PHE B 158 -26.99 -3.69 19.79
C PHE B 158 -27.35 -3.72 21.29
N VAL B 159 -28.30 -2.88 21.72
CA VAL B 159 -28.78 -2.93 23.10
C VAL B 159 -29.30 -4.35 23.40
N ASP B 160 -30.18 -4.83 22.53
CA ASP B 160 -30.73 -6.17 22.62
C ASP B 160 -29.64 -7.22 22.53
N TYR B 161 -28.72 -7.04 21.58
CA TYR B 161 -27.59 -7.95 21.43
C TYR B 161 -26.78 -8.16 22.73
N VAL B 162 -26.53 -7.10 23.49
CA VAL B 162 -25.78 -7.22 24.77
C VAL B 162 -26.68 -7.11 26.02
N ALA B 163 -27.96 -7.42 25.85
CA ALA B 163 -28.92 -7.41 26.94
C ALA B 163 -28.65 -8.53 27.93
N VAL B 164 -29.08 -8.32 29.16
CA VAL B 164 -28.87 -9.24 30.28
C VAL B 164 -30.12 -10.12 30.44
N GLU B 165 -29.94 -11.43 30.34
CA GLU B 165 -30.99 -12.39 30.64
C GLU B 165 -30.81 -12.84 32.09
N GLN B 166 -31.79 -12.58 32.94
CA GLN B 166 -31.77 -13.06 34.32
C GLN B 166 -32.11 -14.55 34.34
N LEU B 167 -31.18 -15.36 34.87
CA LEU B 167 -31.39 -16.78 35.09
C LEU B 167 -31.83 -16.93 36.54
N ASP B 168 -33.14 -16.87 36.78
CA ASP B 168 -33.70 -16.93 38.15
C ASP B 168 -34.98 -17.74 38.23
N GLY B 169 -35.32 -18.15 39.46
CA GLY B 169 -36.47 -19.01 39.72
C GLY B 169 -36.38 -20.34 38.99
N ASP B 170 -37.27 -20.53 38.02
CA ASP B 170 -37.41 -21.79 37.29
C ASP B 170 -36.13 -22.16 36.55
N ASN B 171 -35.56 -21.17 35.84
CA ASN B 171 -34.39 -21.36 34.99
C ASN B 171 -33.13 -20.73 35.62
N LYS B 172 -32.76 -21.19 36.82
CA LYS B 172 -31.47 -20.84 37.44
C LYS B 172 -30.35 -21.62 36.75
N TYR B 173 -29.14 -21.05 36.77
CA TYR B 173 -27.97 -21.67 36.12
C TYR B 173 -27.43 -22.86 36.91
N ASP B 174 -27.24 -23.99 36.22
CA ASP B 174 -26.67 -25.20 36.83
C ASP B 174 -25.14 -25.10 36.80
N ALA B 175 -24.56 -24.80 37.96
CA ALA B 175 -23.11 -24.76 38.15
C ALA B 175 -22.51 -26.15 38.46
N GLY B 176 -23.30 -27.21 38.35
CA GLY B 176 -22.79 -28.59 38.43
C GLY B 176 -22.33 -28.98 39.82
N GLU B 177 -21.08 -28.64 40.12
CA GLU B 177 -20.49 -28.91 41.43
C GLU B 177 -20.96 -27.91 42.50
N HIS B 178 -21.43 -26.74 42.07
CA HIS B 178 -21.95 -25.71 42.97
C HIS B 178 -23.47 -25.52 42.86
N GLY B 179 -24.15 -26.50 42.27
CA GLY B 179 -25.61 -26.54 42.22
C GLY B 179 -26.24 -25.49 41.35
N LEU B 180 -27.56 -25.31 41.52
CA LEU B 180 -28.30 -24.25 40.84
C LEU B 180 -27.87 -22.90 41.41
N GLN B 181 -27.83 -21.88 40.54
CA GLN B 181 -27.32 -20.56 40.89
C GLN B 181 -28.08 -19.45 40.19
N GLU B 182 -28.35 -18.38 40.93
CA GLU B 182 -29.02 -17.20 40.42
C GLU B 182 -27.96 -16.40 39.67
N ALA B 183 -28.16 -16.26 38.36
CA ALA B 183 -27.12 -15.70 37.48
C ALA B 183 -27.69 -14.76 36.41
N GLU B 184 -26.79 -14.04 35.74
CA GLU B 184 -27.13 -13.28 34.54
C GLU B 184 -26.29 -13.71 33.34
N LYS B 185 -26.97 -13.92 32.22
CA LYS B 185 -26.40 -14.43 30.98
C LYS B 185 -26.27 -13.25 30.03
N GLY B 186 -25.23 -13.25 29.20
CA GLY B 186 -25.02 -12.12 28.30
C GLY B 186 -23.81 -12.23 27.39
N VAL B 187 -23.74 -11.27 26.48
CA VAL B 187 -22.65 -11.17 25.51
C VAL B 187 -22.10 -9.76 25.61
N LYS B 188 -20.77 -9.66 25.59
CA LYS B 188 -20.03 -8.40 25.59
C LYS B 188 -19.06 -8.42 24.40
N PHE B 189 -18.95 -7.29 23.70
CA PHE B 189 -17.90 -7.08 22.67
C PHE B 189 -16.59 -6.60 23.28
N LEU B 190 -15.50 -7.30 22.98
CA LEU B 190 -14.14 -6.91 23.39
C LEU B 190 -13.52 -6.01 22.32
N THR B 191 -13.65 -6.42 21.05
CA THR B 191 -13.25 -5.62 19.88
C THR B 191 -14.28 -5.67 18.79
N LEU B 192 -14.25 -4.63 17.96
CA LEU B 192 -15.01 -4.52 16.74
C LEU B 192 -13.98 -4.33 15.61
N PRO B 193 -14.06 -5.14 14.52
CA PRO B 193 -13.03 -5.09 13.48
C PRO B 193 -13.06 -3.84 12.58
N PRO B 194 -11.99 -3.63 11.76
CA PRO B 194 -12.02 -2.54 10.79
C PRO B 194 -13.26 -2.59 9.87
N VAL B 195 -13.58 -3.76 9.34
CA VAL B 195 -14.76 -3.92 8.49
C VAL B 195 -15.79 -4.75 9.25
N LEU B 196 -16.96 -4.15 9.47
CA LEU B 196 -18.02 -4.69 10.31
C LEU B 196 -19.15 -5.11 9.39
N HIS B 197 -19.42 -6.40 9.36
CA HIS B 197 -20.48 -6.94 8.51
C HIS B 197 -21.68 -7.18 9.43
N LEU B 198 -22.73 -6.40 9.22
CA LEU B 198 -23.98 -6.56 9.97
C LEU B 198 -25.02 -7.16 9.05
N GLN B 199 -25.53 -8.33 9.40
CA GLN B 199 -26.73 -8.85 8.75
C GLN B 199 -27.97 -8.53 9.60
N LEU B 200 -28.99 -8.02 8.93
CA LEU B 200 -30.25 -7.70 9.54
C LEU B 200 -31.17 -8.90 9.34
N MET B 201 -31.65 -9.47 10.43
CA MET B 201 -32.32 -10.75 10.38
C MET B 201 -33.79 -10.59 10.02
N ARG B 202 -33.99 -10.33 8.74
CA ARG B 202 -35.32 -10.14 8.20
C ARG B 202 -36.04 -11.47 7.89
N PHE B 203 -35.25 -12.51 7.61
CA PHE B 203 -35.74 -13.82 7.26
C PHE B 203 -35.85 -14.58 8.57
N MET B 204 -37.08 -14.87 8.99
CA MET B 204 -37.33 -15.53 10.28
C MET B 204 -38.26 -16.72 10.10
N TYR B 205 -38.03 -17.76 10.88
CA TYR B 205 -38.91 -18.93 10.89
C TYR B 205 -40.31 -18.56 11.40
N ASP B 206 -41.33 -19.10 10.72
CA ASP B 206 -42.73 -18.86 11.03
C ASP B 206 -43.37 -20.18 11.45
N PRO B 207 -43.65 -20.35 12.75
CA PRO B 207 -44.47 -21.47 13.22
C PRO B 207 -45.82 -21.64 12.50
N GLN B 208 -46.47 -20.53 12.14
CA GLN B 208 -47.82 -20.59 11.52
C GLN B 208 -47.81 -21.26 10.13
N THR B 209 -46.66 -21.24 9.45
CA THR B 209 -46.51 -21.84 8.12
C THR B 209 -45.28 -22.76 7.92
N ASP B 210 -44.59 -23.14 9.01
CA ASP B 210 -43.39 -23.99 8.92
C ASP B 210 -42.36 -23.50 7.86
N GLN B 211 -42.19 -22.19 7.74
CA GLN B 211 -41.35 -21.60 6.69
C GLN B 211 -40.67 -20.32 7.15
N ASN B 212 -39.57 -19.99 6.49
CA ASN B 212 -38.99 -18.67 6.67
C ASN B 212 -39.86 -17.66 5.88
N ILE B 213 -40.11 -16.50 6.50
CA ILE B 213 -40.74 -15.37 5.81
C ILE B 213 -39.88 -14.13 6.03
N LYS B 214 -39.89 -13.25 5.05
CA LYS B 214 -39.23 -11.98 5.17
C LYS B 214 -40.10 -10.97 5.93
N ILE B 215 -39.53 -10.41 7.01
CA ILE B 215 -40.07 -9.26 7.73
C ILE B 215 -39.67 -8.02 6.93
N ASN B 216 -40.65 -7.23 6.49
CA ASN B 216 -40.42 -5.98 5.71
C ASN B 216 -40.53 -4.68 6.55
N ASP B 217 -40.57 -4.83 7.87
CA ASP B 217 -40.74 -3.75 8.82
C ASP B 217 -39.66 -2.67 8.72
N ARG B 218 -40.03 -1.45 9.13
CA ARG B 218 -39.09 -0.35 9.21
C ARG B 218 -38.00 -0.67 10.22
N PHE B 219 -36.76 -0.46 9.79
CA PHE B 219 -35.60 -0.60 10.64
C PHE B 219 -34.51 0.36 10.15
N GLU B 220 -34.10 1.28 11.02
CA GLU B 220 -33.24 2.39 10.62
C GLU B 220 -31.80 2.09 10.93
N PHE B 221 -30.91 2.49 10.03
CA PHE B 221 -29.47 2.42 10.23
C PHE B 221 -28.83 3.76 9.91
N PRO B 222 -27.82 4.17 10.72
CA PRO B 222 -27.17 5.46 10.49
C PRO B 222 -25.99 5.40 9.50
N GLU B 223 -25.77 6.51 8.82
CA GLU B 223 -24.53 6.74 8.06
C GLU B 223 -23.32 6.68 9.00
N GLN B 224 -23.44 7.35 10.14
CA GLN B 224 -22.41 7.31 11.18
C GLN B 224 -22.90 6.55 12.41
N LEU B 225 -22.14 5.55 12.84
CA LEU B 225 -22.57 4.59 13.85
C LEU B 225 -21.53 4.51 14.99
N PRO B 226 -21.78 5.21 16.11
CA PRO B 226 -20.88 5.08 17.26
C PRO B 226 -21.20 3.81 18.06
N LEU B 227 -20.18 3.04 18.39
CA LEU B 227 -20.34 1.73 19.03
C LEU B 227 -19.54 1.58 20.33
N ASP B 228 -18.85 2.63 20.79
CA ASP B 228 -18.11 2.56 22.07
C ASP B 228 -18.94 1.98 23.23
N GLU B 229 -20.21 2.36 23.33
CA GLU B 229 -21.09 1.89 24.42
C GLU B 229 -21.45 0.38 24.44
N PHE B 230 -21.17 -0.35 23.35
CA PHE B 230 -21.36 -1.81 23.33
C PHE B 230 -20.08 -2.60 23.56
N LEU B 231 -18.96 -1.88 23.69
CA LEU B 231 -17.67 -2.48 24.07
C LEU B 231 -17.55 -2.63 25.57
N GLN B 232 -16.77 -3.64 25.99
CA GLN B 232 -16.43 -3.80 27.40
C GLN B 232 -15.59 -2.61 27.83
N LYS B 233 -14.32 -2.54 27.42
CA LYS B 233 -13.47 -1.38 27.68
C LYS B 233 -13.25 -0.66 26.36
N THR B 234 -13.46 0.65 26.37
CA THR B 234 -13.27 1.49 25.19
C THR B 234 -11.84 2.01 25.15
N ASP B 235 -11.41 2.39 23.95
CA ASP B 235 -10.08 2.96 23.72
C ASP B 235 -10.23 4.48 23.46
N PRO B 236 -9.65 5.33 24.32
CA PRO B 236 -9.61 6.80 24.12
C PRO B 236 -9.03 7.28 22.77
N LYS B 237 -7.95 6.64 22.32
CA LYS B 237 -7.25 7.03 21.08
C LYS B 237 -7.95 6.53 19.80
N ASP B 238 -8.88 5.59 19.93
CA ASP B 238 -9.55 4.94 18.79
C ASP B 238 -10.98 4.57 19.20
N PRO B 239 -11.89 5.55 19.23
CA PRO B 239 -13.28 5.21 19.51
C PRO B 239 -13.93 4.42 18.37
N ALA B 240 -14.80 3.48 18.73
CA ALA B 240 -15.46 2.61 17.76
C ALA B 240 -16.54 3.35 16.96
N ASN B 241 -16.10 4.36 16.21
CA ASN B 241 -16.98 5.16 15.38
C ASN B 241 -16.90 4.57 13.98
N TYR B 242 -18.06 4.18 13.44
CA TYR B 242 -18.13 3.44 12.20
C TYR B 242 -18.83 4.25 11.11
N ILE B 243 -18.39 4.02 9.88
CA ILE B 243 -18.83 4.76 8.67
C ILE B 243 -19.53 3.77 7.77
N LEU B 244 -20.70 4.14 7.24
CA LEU B 244 -21.50 3.24 6.43
C LEU B 244 -20.93 3.17 5.02
N HIS B 245 -20.56 1.95 4.59
CA HIS B 245 -19.85 1.70 3.33
C HIS B 245 -20.73 1.02 2.27
N ALA B 246 -21.57 0.07 2.68
CA ALA B 246 -22.38 -0.70 1.74
C ALA B 246 -23.74 -1.08 2.34
N VAL B 247 -24.78 -1.03 1.53
CA VAL B 247 -26.11 -1.47 1.94
C VAL B 247 -26.61 -2.51 0.96
N LEU B 248 -26.72 -3.76 1.40
CA LEU B 248 -27.25 -4.83 0.55
C LEU B 248 -28.77 -4.88 0.71
N VAL B 249 -29.49 -4.80 -0.40
CA VAL B 249 -30.90 -4.51 -0.42
C VAL B 249 -31.65 -5.55 -1.22
N HIS B 250 -32.86 -5.85 -0.77
CA HIS B 250 -33.74 -6.80 -1.44
C HIS B 250 -35.15 -6.19 -1.53
N SER B 251 -35.82 -6.46 -2.65
CA SER B 251 -37.17 -6.02 -2.94
C SER B 251 -37.99 -7.28 -3.13
N GLY B 252 -39.11 -7.38 -2.41
CA GLY B 252 -39.99 -8.54 -2.44
C GLY B 252 -39.84 -9.41 -1.21
N ASP B 253 -40.40 -10.61 -1.25
CA ASP B 253 -40.43 -11.47 -0.06
C ASP B 253 -39.83 -12.84 -0.28
N ASN B 254 -39.19 -13.04 -1.44
CA ASN B 254 -38.62 -14.33 -1.82
C ASN B 254 -37.35 -14.16 -2.64
N HIS B 255 -36.65 -15.27 -2.84
CA HIS B 255 -35.41 -15.36 -3.61
C HIS B 255 -35.50 -14.93 -5.09
N GLY B 256 -36.70 -14.78 -5.62
CA GLY B 256 -36.92 -14.25 -6.96
C GLY B 256 -36.98 -12.74 -7.02
N GLY B 257 -36.96 -12.10 -5.86
CA GLY B 257 -36.99 -10.66 -5.76
C GLY B 257 -35.74 -9.98 -6.28
N HIS B 258 -35.69 -8.67 -6.08
CA HIS B 258 -34.67 -7.83 -6.67
C HIS B 258 -33.51 -7.49 -5.72
N TYR B 259 -32.33 -7.99 -6.07
CA TYR B 259 -31.14 -7.82 -5.28
C TYR B 259 -30.28 -6.72 -5.91
N VAL B 260 -30.06 -5.66 -5.16
CA VAL B 260 -29.07 -4.64 -5.56
C VAL B 260 -28.19 -4.35 -4.37
N VAL B 261 -27.12 -3.60 -4.59
CA VAL B 261 -26.28 -3.12 -3.50
C VAL B 261 -25.95 -1.65 -3.70
N TYR B 262 -26.11 -0.91 -2.62
CA TYR B 262 -25.65 0.45 -2.59
C TYR B 262 -24.26 0.48 -1.96
N LEU B 263 -23.39 1.32 -2.49
CA LEU B 263 -22.02 1.46 -1.98
C LEU B 263 -21.56 2.91 -2.15
N ASN B 264 -20.79 3.42 -1.18
CA ASN B 264 -19.94 4.62 -1.38
C ASN B 264 -18.48 4.17 -1.32
N PRO B 265 -17.96 3.60 -2.43
CA PRO B 265 -16.73 2.80 -2.39
C PRO B 265 -15.49 3.45 -1.78
N LYS B 266 -15.33 4.75 -1.93
CA LYS B 266 -14.15 5.43 -1.37
C LYS B 266 -14.38 5.92 0.05
N GLY B 267 -15.56 5.69 0.62
CA GLY B 267 -15.85 6.12 1.98
C GLY B 267 -16.14 7.61 2.09
N ASP B 268 -16.44 8.25 0.97
CA ASP B 268 -16.60 9.73 0.90
C ASP B 268 -18.06 10.20 0.81
N GLY B 269 -19.01 9.29 1.01
CA GLY B 269 -20.43 9.60 0.87
C GLY B 269 -20.90 9.83 -0.55
N LYS B 270 -20.11 9.39 -1.54
CA LYS B 270 -20.49 9.47 -2.95
C LYS B 270 -21.06 8.11 -3.30
N TRP B 271 -22.39 7.99 -3.21
CA TRP B 271 -23.06 6.69 -3.32
C TRP B 271 -23.37 6.27 -4.74
N CYS B 272 -23.21 4.96 -4.99
CA CYS B 272 -23.60 4.32 -6.24
C CYS B 272 -24.53 3.16 -5.97
N LYS B 273 -25.43 2.91 -6.92
CA LYS B 273 -26.34 1.77 -6.90
C LYS B 273 -25.80 0.76 -7.89
N PHE B 274 -25.54 -0.45 -7.40
CA PHE B 274 -25.11 -1.57 -8.23
C PHE B 274 -26.28 -2.56 -8.42
N ASP B 275 -26.87 -2.52 -9.60
CA ASP B 275 -28.01 -3.35 -9.98
C ASP B 275 -27.55 -4.27 -11.09
N ASP B 276 -26.81 -5.32 -10.72
CA ASP B 276 -26.08 -6.19 -11.66
C ASP B 276 -25.15 -5.41 -12.62
N ASP B 277 -25.43 -5.46 -13.93
CA ASP B 277 -24.65 -4.72 -14.94
C ASP B 277 -24.78 -3.19 -14.87
N VAL B 278 -25.94 -2.68 -14.42
CA VAL B 278 -26.18 -1.23 -14.41
C VAL B 278 -25.71 -0.63 -13.08
N VAL B 279 -24.74 0.26 -13.17
CA VAL B 279 -24.19 0.95 -12.02
C VAL B 279 -24.44 2.44 -12.22
N SER B 280 -25.00 3.10 -11.22
CA SER B 280 -25.35 4.51 -11.35
C SER B 280 -25.12 5.25 -10.06
N ARG B 281 -24.82 6.54 -10.18
CA ARG B 281 -24.74 7.42 -9.02
C ARG B 281 -26.14 7.57 -8.42
N CYS B 282 -26.20 7.69 -7.09
CA CYS B 282 -27.44 7.95 -6.36
C CYS B 282 -27.21 8.85 -5.14
N THR B 283 -28.29 9.32 -4.55
CA THR B 283 -28.23 10.11 -3.31
C THR B 283 -28.00 9.22 -2.09
N LYS B 284 -27.46 9.80 -1.01
CA LYS B 284 -27.40 9.13 0.30
C LYS B 284 -28.79 8.63 0.72
N GLU B 285 -29.80 9.46 0.46
CA GLU B 285 -31.19 9.15 0.80
C GLU B 285 -31.65 7.87 0.11
N GLU B 286 -31.34 7.75 -1.18
CA GLU B 286 -31.63 6.52 -1.94
C GLU B 286 -30.96 5.29 -1.33
N ALA B 287 -29.72 5.46 -0.86
CA ALA B 287 -28.96 4.33 -0.32
C ALA B 287 -29.29 4.02 1.12
N ILE B 288 -29.76 5.01 1.88
CA ILE B 288 -29.89 4.89 3.32
C ILE B 288 -31.39 4.89 3.72
N GLU B 289 -32.03 6.05 3.81
CA GLU B 289 -33.41 6.11 4.36
C GLU B 289 -34.44 5.34 3.51
N HIS B 290 -34.34 5.44 2.18
CA HIS B 290 -35.18 4.66 1.24
C HIS B 290 -35.15 3.14 1.44
N ASN B 291 -34.15 2.63 2.17
CA ASN B 291 -34.02 1.19 2.43
C ASN B 291 -34.24 0.80 3.89
N TYR B 292 -34.85 1.69 4.66
CA TYR B 292 -35.29 1.39 6.03
C TYR B 292 -36.48 0.42 6.03
N GLY B 293 -37.30 0.48 4.99
CA GLY B 293 -38.36 -0.51 4.78
C GLY B 293 -39.65 -0.06 5.42
N GLY B 294 -40.64 -0.94 5.43
CA GLY B 294 -41.96 -0.56 5.92
C GLY B 294 -43.10 -1.40 5.35
N HIS B 295 -44.30 -1.01 5.74
CA HIS B 295 -45.47 -1.87 5.75
C HIS B 295 -46.51 -1.38 4.73
N HIS B 303 -44.85 -6.41 -2.59
CA HIS B 303 -43.39 -6.54 -2.65
C HIS B 303 -42.69 -5.19 -2.38
N CYS B 304 -41.73 -5.15 -1.44
CA CYS B 304 -40.97 -3.90 -1.17
C CYS B 304 -39.55 -4.01 -0.54
N THR B 305 -38.95 -2.84 -0.34
CA THR B 305 -37.50 -2.65 -0.51
C THR B 305 -36.79 -2.22 0.78
N ASN B 306 -35.77 -3.00 1.16
CA ASN B 306 -35.05 -2.74 2.40
C ASN B 306 -33.69 -3.43 2.49
N ALA B 307 -32.89 -2.93 3.43
CA ALA B 307 -31.57 -3.48 3.69
C ALA B 307 -31.69 -4.79 4.46
N TYR B 308 -30.85 -5.76 4.07
CA TYR B 308 -30.66 -7.01 4.82
C TYR B 308 -29.22 -7.23 5.27
N MET B 309 -28.29 -6.43 4.76
CA MET B 309 -26.94 -6.45 5.24
C MET B 309 -26.30 -5.07 5.08
N LEU B 310 -25.55 -4.67 6.11
CA LEU B 310 -24.81 -3.41 6.12
C LEU B 310 -23.33 -3.71 6.33
N VAL B 311 -22.49 -2.91 5.69
CA VAL B 311 -21.05 -2.93 5.95
C VAL B 311 -20.66 -1.56 6.45
N TYR B 312 -20.07 -1.54 7.63
CA TYR B 312 -19.46 -0.36 8.18
C TYR B 312 -17.95 -0.52 8.20
N ILE B 313 -17.26 0.60 8.00
CA ILE B 313 -15.81 0.63 8.17
C ILE B 313 -15.49 1.52 9.38
N ARG B 314 -14.65 1.03 10.27
CA ARG B 314 -14.14 1.84 11.37
C ARG B 314 -13.40 3.05 10.81
N GLU B 315 -13.72 4.21 11.35
CA GLU B 315 -13.32 5.46 10.75
C GLU B 315 -11.80 5.67 10.82
N SER B 316 -11.20 5.30 11.96
CA SER B 316 -9.76 5.28 12.13
C SER B 316 -9.06 4.31 11.18
N LYS B 317 -9.78 3.34 10.62
CA LYS B 317 -9.21 2.38 9.67
C LYS B 317 -9.53 2.61 8.19
N LEU B 318 -10.31 3.64 7.86
CA LEU B 318 -10.72 3.87 6.46
C LEU B 318 -9.56 3.89 5.47
N SER B 319 -8.47 4.59 5.82
CA SER B 319 -7.33 4.73 4.92
C SER B 319 -6.60 3.42 4.66
N GLU B 320 -6.59 2.53 5.66
CA GLU B 320 -6.06 1.17 5.50
C GLU B 320 -7.01 0.26 4.71
N VAL B 321 -8.26 0.22 5.14
CA VAL B 321 -9.25 -0.65 4.51
C VAL B 321 -9.45 -0.27 3.04
N LEU B 322 -9.63 1.02 2.79
CA LEU B 322 -9.86 1.54 1.45
C LEU B 322 -8.59 2.19 0.88
N GLN B 323 -7.42 1.59 1.16
CA GLN B 323 -6.16 1.99 0.51
C GLN B 323 -6.36 1.82 -1.00
N ALA B 324 -5.96 2.83 -1.76
CA ALA B 324 -5.97 2.75 -3.23
C ALA B 324 -5.23 1.51 -3.72
N VAL B 325 -5.77 0.85 -4.73
CA VAL B 325 -5.19 -0.38 -5.27
C VAL B 325 -4.35 0.04 -6.46
N THR B 326 -3.09 -0.37 -6.51
CA THR B 326 -2.14 0.10 -7.54
C THR B 326 -1.62 -1.09 -8.32
N ASP B 327 -0.98 -0.85 -9.47
CA ASP B 327 -0.36 -1.93 -10.24
C ASP B 327 0.62 -2.79 -9.41
N HIS B 328 1.34 -2.18 -8.46
CA HIS B 328 2.17 -2.92 -7.45
C HIS B 328 1.46 -4.13 -6.84
N ASP B 329 0.18 -3.95 -6.49
CA ASP B 329 -0.62 -4.94 -5.82
C ASP B 329 -1.01 -6.15 -6.66
N ILE B 330 -0.93 -6.05 -7.98
CA ILE B 330 -1.24 -7.17 -8.88
C ILE B 330 0.07 -7.71 -9.47
N PRO B 331 0.52 -8.89 -8.99
CA PRO B 331 1.72 -9.48 -9.59
C PRO B 331 1.51 -9.88 -11.04
N GLN B 332 2.56 -9.72 -11.83
CA GLN B 332 2.51 -10.08 -13.24
C GLN B 332 2.15 -11.53 -13.49
N GLN B 333 2.60 -12.44 -12.62
CA GLN B 333 2.18 -13.83 -12.67
C GLN B 333 0.64 -13.89 -12.78
N LEU B 334 -0.04 -13.12 -11.94
CA LEU B 334 -1.51 -13.04 -11.92
C LEU B 334 -2.05 -12.40 -13.18
N VAL B 335 -1.48 -11.26 -13.58
CA VAL B 335 -1.92 -10.56 -14.79
C VAL B 335 -1.78 -11.51 -15.98
N GLU B 336 -0.64 -12.20 -16.07
CA GLU B 336 -0.38 -13.12 -17.18
C GLU B 336 -1.21 -14.41 -17.13
N ARG B 337 -1.44 -14.99 -15.95
CA ARG B 337 -2.29 -16.18 -15.90
C ARG B 337 -3.68 -15.85 -16.44
N LEU B 338 -4.24 -14.75 -15.96
CA LEU B 338 -5.57 -14.28 -16.39
C LEU B 338 -5.61 -13.86 -17.85
N GLN B 339 -4.51 -13.33 -18.39
CA GLN B 339 -4.38 -13.07 -19.83
C GLN B 339 -4.40 -14.39 -20.61
N GLU B 340 -3.59 -15.35 -20.16
CA GLU B 340 -3.50 -16.66 -20.82
C GLU B 340 -4.83 -17.43 -20.84
N GLU B 341 -5.64 -17.26 -19.80
CA GLU B 341 -6.98 -17.87 -19.77
C GLU B 341 -7.89 -17.28 -20.84
N LYS B 342 -7.98 -15.95 -20.87
CA LYS B 342 -8.67 -15.22 -21.94
C LYS B 342 -8.14 -15.55 -23.34
N ARG B 343 -6.83 -15.82 -23.42
CA ARG B 343 -6.17 -16.27 -24.67
C ARG B 343 -6.89 -17.49 -25.25
N ILE B 344 -7.14 -18.48 -24.39
CA ILE B 344 -7.82 -19.72 -24.78
C ILE B 344 -9.33 -19.46 -24.85
N GLU B 345 -9.86 -18.85 -23.80
CA GLU B 345 -11.26 -18.38 -23.74
C GLU B 345 -11.49 -17.22 -24.72
S SO4 C . 21.97 -0.33 14.77
O1 SO4 C . 22.64 0.94 14.44
O2 SO4 C . 22.80 -1.06 15.74
O3 SO4 C . 20.65 -0.02 15.38
O4 SO4 C . 21.76 -1.15 13.55
C1 GOL D . 29.87 6.78 -27.16
O1 GOL D . 29.50 8.03 -27.76
C2 GOL D . 30.09 5.71 -28.22
O2 GOL D . 30.53 4.49 -27.62
C3 GOL D . 28.79 5.43 -28.99
O3 GOL D . 29.02 4.49 -30.05
N CQ5 E . 29.31 12.45 -8.80
C CQ5 E . 30.51 14.56 -8.76
O CQ5 E . 29.90 15.98 -7.04
O2 CQ5 E . 30.25 13.54 0.15
C16 CQ5 E . 30.75 14.03 -0.84
C17 CQ5 E . 32.00 14.89 -0.63
C18 CQ5 E . 31.70 16.36 -0.31
C25 CQ5 E . 33.02 17.12 -0.09
C19 CQ5 E . 30.84 17.02 -1.39
C24 CQ5 E . 31.34 17.47 -2.62
C23 CQ5 E . 30.52 18.06 -3.54
C22 CQ5 E . 29.16 18.21 -3.26
C21 CQ5 E . 28.65 17.74 -2.06
C20 CQ5 E . 29.48 17.16 -1.14
N4 CQ5 E . 30.16 13.71 -2.06
C13 CQ5 E . 30.94 13.74 -3.32
C12 CQ5 E . 30.16 14.30 -4.50
C14 CQ5 E . 28.75 13.26 -2.18
C15 CQ5 E . 27.98 13.81 -3.39
C5 CQ5 E . 28.78 13.65 -4.69
O1 CQ5 E . 28.97 12.26 -4.89
C4 CQ5 E . 28.00 14.25 -5.89
N1 CQ5 E . 28.79 13.99 -7.10
C3 CQ5 E . 29.72 14.90 -7.57
C2 CQ5 E . 28.62 12.79 -7.74
C1 CQ5 E . 30.31 13.37 -9.36
N2 CQ5 E . 31.03 12.91 -10.45
C6 CQ5 E . 32.29 13.48 -10.96
C7 CQ5 E . 33.40 13.45 -9.87
N3 CQ5 E . 33.65 12.18 -9.19
C11 CQ5 E . 34.29 11.18 -10.06
C10 CQ5 E . 34.97 10.20 -9.09
C9 CQ5 E . 34.99 10.92 -7.74
C8 CQ5 E . 34.60 12.35 -8.09
S SO4 F . -17.37 -16.43 -16.26
O1 SO4 F . -16.77 -15.08 -16.41
O2 SO4 F . -16.81 -17.12 -15.09
O3 SO4 F . -18.84 -16.27 -16.08
O4 SO4 F . -17.10 -17.24 -17.47
S SO4 G . -25.60 13.14 -1.44
O1 SO4 G . -24.26 12.68 -0.99
O2 SO4 G . -25.70 14.61 -1.28
O3 SO4 G . -25.79 12.78 -2.87
O4 SO4 G . -26.66 12.50 -0.63
N CQ5 H . -29.27 -14.31 8.37
C CQ5 H . -31.61 -13.82 8.77
O CQ5 H . -32.53 -12.33 7.24
O2 CQ5 H . -31.87 -13.82 -0.22
C16 CQ5 H . -32.34 -14.09 0.86
C17 CQ5 H . -33.80 -14.53 0.88
C18 CQ5 H . -34.79 -13.37 0.76
C25 CQ5 H . -36.23 -13.93 0.82
C19 CQ5 H . -34.53 -12.29 1.82
C24 CQ5 H . -34.94 -12.40 3.16
C23 CQ5 H . -34.66 -11.39 4.06
C22 CQ5 H . -33.97 -10.26 3.66
C21 CQ5 H . -33.58 -10.14 2.34
C20 CQ5 H . -33.85 -11.14 1.43
N4 CQ5 H . -31.53 -13.97 1.98
C13 CQ5 H . -31.86 -14.60 3.28
C12 CQ5 H . -31.73 -13.61 4.44
C14 CQ5 H . -30.22 -13.23 1.98
C15 CQ5 H . -30.06 -12.25 3.15
C5 CQ5 H . -30.33 -12.94 4.50
O1 CQ5 H . -29.40 -14.01 4.62
C4 CQ5 H . -30.21 -11.98 5.70
N1 CQ5 H . -30.33 -12.79 6.93
C3 CQ5 H . -31.54 -12.94 7.60
C2 CQ5 H . -29.23 -13.52 7.34
C1 CQ5 H . -30.50 -14.48 9.16
N2 CQ5 H . -30.44 -15.40 10.21
C6 CQ5 H . -31.59 -16.00 10.91
C7 CQ5 H . -32.49 -16.79 9.92
N3 CQ5 H . -31.83 -17.76 9.02
C11 CQ5 H . -31.26 -18.93 9.69
C10 CQ5 H . -31.53 -20.13 8.77
C9 CQ5 H . -32.11 -19.53 7.50
C8 CQ5 H . -32.77 -18.25 8.00
#